data_4PV9
#
_entry.id   4PV9
#
_cell.length_a   66.470
_cell.length_b   90.750
_cell.length_c   89.520
_cell.angle_alpha   90.000
_cell.angle_beta   111.580
_cell.angle_gamma   90.000
#
_symmetry.space_group_name_H-M   'P 1 21 1'
#
loop_
_entity.id
_entity.type
_entity.pdbx_description
1 polymer 'H-2 class I histocompatibility antigen, K-B alpha chain'
2 polymer Beta-2-microglobulin
3 polymer 'S598 peptide modified Q600V'
4 non-polymer 'ACETATE ION'
5 non-polymer GLYCEROL
6 water water
#
loop_
_entity_poly.entity_id
_entity_poly.type
_entity_poly.pdbx_seq_one_letter_code
_entity_poly.pdbx_strand_id
1 'polypeptide(L)'
;GPHSLRYFVTAVSRPGLGEPRYMEVGYVDDTEFVRFDSDAENPRYEPRARWMEQEGPEYWERETQKAKGNEQSFRVDLRT
LLGYYNQSKGGSHTIQVISGCEVGSDGRLLRGYQQYAYDGCDYIALNEDLKTWTAADMAALITKHKWEQAGEAERLRAYL
EGTCVEWLRRYLKNGNATLLRTDSPKAHVTHHSRPEDKVTLRCWALGFYPADITLTWQLNGEELIQDMELVETRPAGDGT
FQKWASVVVPLGKEQYYTCHVYHQGLPEPLTLRWEPPP
;
A,C
2 'polypeptide(L)'
;IQKTPQIQVYSRHPPENGKPNILNCYVTQFHPPHIEIQMLKNGKKIPKVEMSDMSFSKDWSFYILAHTEFTPTETDTYAC
RVKHDSMAEPKTVYWDRDM
;
B,D
3 'polypeptide(L)' R(ABA)VIFANI E,F
#
# COMPACT_ATOMS: atom_id res chain seq x y z
N GLY A 1 7.41 5.30 1.48
CA GLY A 1 6.07 4.77 1.70
C GLY A 1 4.97 5.82 1.78
N PRO A 2 3.68 5.40 1.91
CA PRO A 2 2.59 6.38 2.03
C PRO A 2 2.59 7.06 3.38
N HIS A 3 2.12 8.33 3.43
CA HIS A 3 2.02 9.09 4.66
C HIS A 3 0.65 9.77 4.82
N SER A 4 0.23 10.05 6.07
CA SER A 4 -1.05 10.71 6.31
CA SER A 4 -1.06 10.66 6.35
C SER A 4 -1.04 11.76 7.39
N LEU A 5 -1.86 12.79 7.19
CA LEU A 5 -2.08 13.89 8.13
C LEU A 5 -3.58 13.90 8.26
N ARG A 6 -4.09 13.55 9.46
CA ARG A 6 -5.53 13.53 9.71
CA ARG A 6 -5.54 13.49 9.73
C ARG A 6 -5.83 14.18 11.05
N TYR A 7 -6.94 14.91 11.09
CA TYR A 7 -7.44 15.59 12.29
C TYR A 7 -8.75 14.91 12.62
N PHE A 8 -8.88 14.49 13.89
CA PHE A 8 -10.05 13.83 14.44
C PHE A 8 -10.66 14.87 15.37
N VAL A 9 -11.87 15.32 15.03
CA VAL A 9 -12.51 16.43 15.72
C VAL A 9 -13.79 15.97 16.38
N THR A 10 -14.02 16.43 17.64
CA THR A 10 -15.22 16.10 18.39
CA THR A 10 -15.21 16.10 18.43
C THR A 10 -15.78 17.32 19.11
N ALA A 11 -17.10 17.47 19.07
CA ALA A 11 -17.88 18.53 19.70
C ALA A 11 -19.00 17.76 20.38
N VAL A 12 -19.10 17.90 21.70
CA VAL A 12 -20.09 17.19 22.51
CA VAL A 12 -20.10 17.20 22.50
C VAL A 12 -20.88 18.20 23.37
N SER A 13 -22.19 18.34 23.10
CA SER A 13 -23.00 19.27 23.88
C SER A 13 -23.29 18.64 25.24
N ARG A 14 -23.49 19.46 26.25
CA ARG A 14 -23.81 19.00 27.60
C ARG A 14 -24.78 20.01 28.23
N PRO A 15 -26.07 20.02 27.77
CA PRO A 15 -27.02 21.05 28.24
C PRO A 15 -27.13 21.20 29.76
N GLY A 16 -26.96 22.45 30.22
CA GLY A 16 -26.97 22.84 31.63
C GLY A 16 -25.63 22.68 32.35
N LEU A 17 -24.81 21.67 31.94
CA LEU A 17 -23.48 21.34 32.51
C LEU A 17 -22.32 22.20 31.97
N GLY A 18 -22.66 23.18 31.14
CA GLY A 18 -21.69 24.10 30.56
C GLY A 18 -21.73 24.21 29.05
N GLU A 19 -20.60 24.62 28.47
CA GLU A 19 -20.51 24.76 27.03
C GLU A 19 -20.14 23.43 26.39
N PRO A 20 -20.41 23.24 25.08
CA PRO A 20 -19.99 21.97 24.43
C PRO A 20 -18.49 21.72 24.56
N ARG A 21 -18.10 20.45 24.73
CA ARG A 21 -16.69 20.13 24.81
C ARG A 21 -16.16 19.91 23.40
N TYR A 22 -15.04 20.59 23.07
CA TYR A 22 -14.47 20.55 21.73
C TYR A 22 -13.04 20.08 21.77
N MET A 23 -12.75 19.14 20.87
CA MET A 23 -11.43 18.55 20.74
C MET A 23 -11.01 18.50 19.30
N GLU A 24 -9.73 18.82 19.07
CA GLU A 24 -9.03 18.72 17.79
C GLU A 24 -7.80 17.89 18.06
N VAL A 25 -7.68 16.72 17.39
CA VAL A 25 -6.53 15.83 17.55
C VAL A 25 -5.90 15.57 16.20
N GLY A 26 -4.61 15.86 16.11
CA GLY A 26 -3.83 15.64 14.91
C GLY A 26 -3.05 14.35 14.98
N TYR A 27 -3.03 13.59 13.87
CA TYR A 27 -2.25 12.37 13.72
C TYR A 27 -1.41 12.45 12.45
N VAL A 28 -0.12 12.12 12.57
CA VAL A 28 0.80 11.95 11.44
C VAL A 28 1.03 10.44 11.42
N ASP A 29 0.65 9.76 10.33
CA ASP A 29 0.79 8.30 10.16
C ASP A 29 0.31 7.52 11.38
N ASP A 30 -0.92 7.80 11.86
CA ASP A 30 -1.52 7.12 13.02
C ASP A 30 -1.00 7.52 14.42
N THR A 31 0.03 8.38 14.50
CA THR A 31 0.59 8.87 15.75
C THR A 31 0.05 10.27 16.06
N GLU A 32 -0.52 10.46 17.26
CA GLU A 32 -1.01 11.74 17.76
C GLU A 32 0.19 12.69 17.95
N PHE A 33 0.11 13.90 17.38
CA PHE A 33 1.25 14.82 17.44
C PHE A 33 0.89 16.19 17.95
N VAL A 34 -0.38 16.54 17.86
CA VAL A 34 -0.92 17.80 18.38
C VAL A 34 -2.30 17.55 19.00
N ARG A 35 -2.74 18.42 19.96
CA ARG A 35 -4.07 18.30 20.57
C ARG A 35 -4.55 19.68 21.05
N PHE A 36 -5.83 19.95 20.81
CA PHE A 36 -6.53 21.12 21.34
C PHE A 36 -7.71 20.55 22.08
N ASP A 37 -7.89 21.00 23.34
CA ASP A 37 -8.96 20.57 24.22
C ASP A 37 -9.57 21.86 24.82
N SER A 38 -10.84 22.16 24.48
CA SER A 38 -11.53 23.38 24.95
C SER A 38 -11.77 23.43 26.45
N ASP A 39 -11.72 22.26 27.09
CA ASP A 39 -12.01 22.12 28.50
C ASP A 39 -10.89 22.70 29.39
N ALA A 40 -10.67 24.04 29.28
CA ALA A 40 -9.65 24.85 29.96
C ALA A 40 -9.95 26.37 29.90
N GLU A 41 -9.40 27.16 30.87
CA GLU A 41 -9.56 28.63 30.99
C GLU A 41 -9.00 29.40 29.81
N ASN A 42 -7.74 29.11 29.42
CA ASN A 42 -7.05 29.70 28.27
C ASN A 42 -6.58 28.47 27.44
N PRO A 43 -7.51 27.78 26.71
CA PRO A 43 -7.12 26.55 25.98
C PRO A 43 -6.21 26.84 24.80
N ARG A 44 -5.23 25.95 24.57
CA ARG A 44 -4.22 26.13 23.55
C ARG A 44 -3.86 24.86 22.82
N TYR A 45 -3.45 24.97 21.54
CA TYR A 45 -2.94 23.82 20.80
C TYR A 45 -1.66 23.37 21.52
N GLU A 46 -1.50 22.08 21.73
CA GLU A 46 -0.34 21.54 22.45
C GLU A 46 0.41 20.48 21.64
N PRO A 47 1.77 20.45 21.72
CA PRO A 47 2.50 19.34 21.08
C PRO A 47 2.26 18.04 21.85
N ARG A 48 2.20 16.89 21.14
CA ARG A 48 1.94 15.57 21.77
C ARG A 48 3.06 14.58 21.41
N ALA A 49 4.03 15.10 20.70
CA ALA A 49 5.26 14.45 20.26
C ALA A 49 6.33 15.51 20.47
N ARG A 50 7.51 15.11 20.96
CA ARG A 50 8.63 16.02 21.24
C ARG A 50 9.16 16.71 19.98
N TRP A 51 9.12 16.03 18.82
CA TRP A 51 9.56 16.66 17.56
C TRP A 51 8.69 17.88 17.12
N MET A 52 7.48 18.07 17.73
CA MET A 52 6.64 19.23 17.41
C MET A 52 7.04 20.45 18.23
N GLU A 53 7.75 20.23 19.36
CA GLU A 53 8.16 21.31 20.27
C GLU A 53 8.99 22.41 19.60
N GLN A 54 9.67 22.08 18.48
CA GLN A 54 10.48 23.02 17.72
C GLN A 54 9.68 24.09 16.94
N GLU A 55 8.35 23.90 16.72
CA GLU A 55 7.53 24.90 16.03
C GLU A 55 7.48 26.15 16.91
N GLY A 56 7.66 27.32 16.30
CA GLY A 56 7.68 28.58 17.02
C GLY A 56 6.36 29.09 17.57
N PRO A 57 6.39 30.18 18.37
CA PRO A 57 5.14 30.72 18.96
C PRO A 57 4.07 31.16 17.96
N GLU A 58 4.46 31.66 16.75
CA GLU A 58 3.48 32.05 15.73
C GLU A 58 2.63 30.85 15.27
N TYR A 59 3.26 29.67 15.16
CA TYR A 59 2.54 28.45 14.76
C TYR A 59 1.43 28.07 15.79
N TRP A 60 1.82 27.94 17.08
CA TRP A 60 0.92 27.59 18.17
C TRP A 60 -0.23 28.59 18.29
N GLU A 61 0.09 29.88 18.09
CA GLU A 61 -0.87 30.98 18.15
C GLU A 61 -1.94 30.86 17.06
N ARG A 62 -1.49 30.69 15.78
CA ARG A 62 -2.36 30.54 14.63
CA ARG A 62 -2.36 30.54 14.63
CA ARG A 62 -2.38 30.55 14.62
C ARG A 62 -3.29 29.33 14.78
N GLU A 63 -2.73 28.15 15.17
CA GLU A 63 -3.49 26.93 15.35
C GLU A 63 -4.54 27.06 16.48
N THR A 64 -4.14 27.73 17.59
CA THR A 64 -5.04 27.97 18.74
C THR A 64 -6.19 28.83 18.29
N GLN A 65 -5.90 29.99 17.66
CA GLN A 65 -6.95 30.90 17.19
C GLN A 65 -7.90 30.22 16.20
N LYS A 66 -7.35 29.48 15.26
CA LYS A 66 -8.10 28.67 14.30
C LYS A 66 -9.01 27.59 15.00
N ALA A 67 -8.47 26.84 16.00
CA ALA A 67 -9.22 25.83 16.76
C ALA A 67 -10.38 26.48 17.53
N LYS A 68 -10.15 27.66 18.14
CA LYS A 68 -11.21 28.38 18.86
C LYS A 68 -12.32 28.82 17.88
N GLY A 69 -11.93 29.18 16.66
CA GLY A 69 -12.86 29.51 15.60
C GLY A 69 -13.70 28.30 15.22
N ASN A 70 -13.04 27.18 14.87
CA ASN A 70 -13.73 25.92 14.59
C ASN A 70 -14.64 25.52 15.74
N GLU A 71 -14.16 25.67 16.98
CA GLU A 71 -14.99 25.35 18.17
C GLU A 71 -16.33 26.09 18.11
N GLN A 72 -16.26 27.39 17.76
CA GLN A 72 -17.45 28.24 17.71
C GLN A 72 -18.39 27.83 16.56
N SER A 73 -17.82 27.42 15.42
CA SER A 73 -18.56 26.90 14.27
C SER A 73 -19.32 25.62 14.67
N PHE A 74 -18.67 24.68 15.38
CA PHE A 74 -19.32 23.44 15.88
C PHE A 74 -20.38 23.71 16.95
N ARG A 75 -20.21 24.76 17.80
CA ARG A 75 -21.24 25.15 18.77
C ARG A 75 -22.56 25.52 18.03
N VAL A 76 -22.44 26.25 16.88
CA VAL A 76 -23.57 26.66 16.04
C VAL A 76 -24.13 25.42 15.36
N ASP A 77 -23.23 24.57 14.79
CA ASP A 77 -23.57 23.29 14.14
C ASP A 77 -24.38 22.37 15.03
N LEU A 78 -24.03 22.30 16.33
CA LEU A 78 -24.81 21.53 17.31
C LEU A 78 -26.26 22.04 17.40
N ARG A 79 -26.47 23.40 17.42
CA ARG A 79 -27.81 23.98 17.47
CA ARG A 79 -27.82 23.99 17.46
C ARG A 79 -28.55 23.74 16.14
N THR A 80 -27.84 23.85 14.99
CA THR A 80 -28.42 23.63 13.66
C THR A 80 -28.96 22.19 13.52
N LEU A 81 -28.21 21.20 14.02
CA LEU A 81 -28.60 19.78 13.95
C LEU A 81 -29.82 19.41 14.79
N LEU A 82 -29.98 20.04 15.98
CA LEU A 82 -31.15 19.85 16.85
C LEU A 82 -32.44 20.19 16.06
N GLY A 83 -32.38 21.27 15.26
CA GLY A 83 -33.44 21.74 14.37
C GLY A 83 -33.71 20.74 13.26
N TYR A 84 -32.65 20.39 12.46
CA TYR A 84 -32.71 19.42 11.35
C TYR A 84 -33.39 18.07 11.71
N TYR A 85 -33.13 17.54 12.93
CA TYR A 85 -33.65 16.26 13.44
C TYR A 85 -34.85 16.40 14.39
N ASN A 86 -35.29 17.66 14.70
CA ASN A 86 -36.42 17.96 15.60
C ASN A 86 -36.18 17.42 17.03
N GLN A 87 -34.95 17.56 17.53
CA GLN A 87 -34.59 17.10 18.87
C GLN A 87 -34.78 18.17 19.94
N SER A 88 -35.04 17.77 21.20
CA SER A 88 -35.19 18.68 22.34
C SER A 88 -33.84 19.35 22.71
N LYS A 89 -33.89 20.43 23.48
CA LYS A 89 -32.67 21.19 23.85
C LYS A 89 -31.83 20.59 24.99
N GLY A 90 -32.40 19.70 25.81
CA GLY A 90 -31.75 19.12 26.99
C GLY A 90 -31.00 17.79 26.90
N GLY A 91 -30.78 17.29 25.70
CA GLY A 91 -30.06 16.03 25.49
C GLY A 91 -28.65 16.27 24.96
N SER A 92 -27.69 15.43 25.35
CA SER A 92 -26.32 15.57 24.90
C SER A 92 -26.14 14.95 23.51
N HIS A 93 -25.50 15.71 22.59
CA HIS A 93 -25.23 15.24 21.21
C HIS A 93 -23.78 15.39 20.82
N THR A 94 -23.35 14.59 19.86
CA THR A 94 -21.96 14.54 19.39
CA THR A 94 -21.97 14.67 19.39
C THR A 94 -21.84 14.84 17.90
N ILE A 95 -20.82 15.62 17.50
CA ILE A 95 -20.43 15.82 16.09
C ILE A 95 -19.00 15.34 16.05
N GLN A 96 -18.65 14.57 15.04
CA GLN A 96 -17.30 14.09 14.87
C GLN A 96 -16.92 14.28 13.45
N VAL A 97 -15.64 14.57 13.22
CA VAL A 97 -15.10 14.77 11.88
C VAL A 97 -13.73 14.12 11.81
N ILE A 98 -13.42 13.54 10.64
CA ILE A 98 -12.12 13.04 10.23
C ILE A 98 -11.82 13.84 8.95
N SER A 99 -10.75 14.63 8.99
CA SER A 99 -10.35 15.54 7.92
C SER A 99 -8.86 15.38 7.71
N GLY A 100 -8.45 15.17 6.45
CA GLY A 100 -7.03 15.06 6.18
C GLY A 100 -6.67 14.44 4.87
N CYS A 101 -5.40 14.12 4.72
CA CYS A 101 -4.89 13.65 3.45
C CYS A 101 -4.00 12.44 3.62
N GLU A 102 -3.96 11.60 2.59
CA GLU A 102 -3.06 10.45 2.53
C GLU A 102 -2.23 10.71 1.29
N VAL A 103 -0.90 10.76 1.44
CA VAL A 103 -0.07 11.03 0.27
C VAL A 103 0.84 9.85 0.01
N GLY A 104 1.14 9.59 -1.26
CA GLY A 104 2.01 8.48 -1.62
C GLY A 104 3.47 8.85 -1.50
N SER A 105 4.35 7.87 -1.75
CA SER A 105 5.81 7.99 -1.74
C SER A 105 6.30 9.09 -2.72
N ASP A 106 5.54 9.31 -3.82
CA ASP A 106 5.82 10.29 -4.86
C ASP A 106 5.32 11.70 -4.52
N GLY A 107 4.73 11.87 -3.34
CA GLY A 107 4.21 13.16 -2.90
C GLY A 107 2.82 13.48 -3.42
N ARG A 108 2.23 12.62 -4.28
CA ARG A 108 0.88 12.87 -4.83
C ARG A 108 -0.17 12.49 -3.80
N LEU A 109 -1.31 13.17 -3.81
CA LEU A 109 -2.44 12.86 -2.91
C LEU A 109 -3.05 11.51 -3.30
N LEU A 110 -3.17 10.58 -2.34
CA LEU A 110 -3.78 9.27 -2.62
C LEU A 110 -5.26 9.30 -2.27
N ARG A 111 -5.57 9.91 -1.12
CA ARG A 111 -6.92 10.01 -0.61
C ARG A 111 -7.08 11.30 0.16
N GLY A 112 -8.21 11.94 -0.05
CA GLY A 112 -8.61 13.12 0.72
C GLY A 112 -9.78 12.73 1.61
N TYR A 113 -9.79 13.15 2.88
CA TYR A 113 -10.88 12.81 3.79
C TYR A 113 -11.53 14.05 4.33
N GLN A 114 -12.88 14.09 4.31
CA GLN A 114 -13.77 15.05 4.95
C GLN A 114 -15.10 14.36 5.24
N GLN A 115 -15.13 13.68 6.42
CA GLN A 115 -16.22 12.82 6.90
C GLN A 115 -16.79 13.33 8.21
N TYR A 116 -18.09 13.47 8.22
CA TYR A 116 -18.86 13.93 9.37
C TYR A 116 -19.76 12.81 9.89
N ALA A 117 -19.97 12.79 11.22
CA ALA A 117 -20.87 11.90 11.93
C ALA A 117 -21.61 12.72 12.98
N TYR A 118 -22.87 12.39 13.16
CA TYR A 118 -23.75 13.00 14.15
C TYR A 118 -24.30 11.85 15.01
N ASP A 119 -24.07 11.93 16.32
CA ASP A 119 -24.40 10.89 17.29
C ASP A 119 -23.82 9.51 16.89
N GLY A 120 -22.58 9.51 16.42
CA GLY A 120 -21.86 8.30 16.03
C GLY A 120 -22.32 7.60 14.78
N CYS A 121 -23.04 8.31 13.90
CA CYS A 121 -23.56 7.79 12.63
C CYS A 121 -23.10 8.69 11.51
N ASP A 122 -22.75 8.11 10.36
CA ASP A 122 -22.39 8.88 9.16
C ASP A 122 -23.45 9.95 8.91
N TYR A 123 -22.99 11.15 8.58
CA TYR A 123 -23.84 12.29 8.27
C TYR A 123 -23.55 12.71 6.81
N ILE A 124 -22.34 13.20 6.54
CA ILE A 124 -21.94 13.60 5.20
C ILE A 124 -20.46 13.34 5.04
N ALA A 125 -20.06 13.01 3.81
CA ALA A 125 -18.66 12.72 3.49
C ALA A 125 -18.29 13.18 2.10
N LEU A 126 -17.06 13.73 1.95
CA LEU A 126 -16.57 14.11 0.63
C LEU A 126 -16.22 12.82 -0.10
N ASN A 127 -16.70 12.66 -1.33
CA ASN A 127 -16.39 11.47 -2.13
C ASN A 127 -14.93 11.49 -2.62
N GLU A 128 -14.41 10.33 -3.02
CA GLU A 128 -13.04 10.11 -3.53
C GLU A 128 -12.67 11.08 -4.67
N ASP A 129 -13.66 11.46 -5.52
CA ASP A 129 -13.48 12.42 -6.63
C ASP A 129 -13.11 13.84 -6.15
N LEU A 130 -13.34 14.14 -4.84
CA LEU A 130 -13.09 15.43 -4.19
C LEU A 130 -13.97 16.54 -4.81
N LYS A 131 -15.13 16.15 -5.35
CA LYS A 131 -16.03 17.05 -6.05
C LYS A 131 -17.45 16.98 -5.55
N THR A 132 -17.89 15.78 -5.17
CA THR A 132 -19.27 15.49 -4.73
C THR A 132 -19.32 15.00 -3.28
N TRP A 133 -20.52 15.09 -2.67
CA TRP A 133 -20.81 14.67 -1.29
C TRP A 133 -21.78 13.51 -1.25
N THR A 134 -21.60 12.61 -0.27
CA THR A 134 -22.50 11.51 0.04
C THR A 134 -23.21 11.87 1.37
N ALA A 135 -24.51 12.12 1.28
CA ALA A 135 -25.36 12.45 2.43
C ALA A 135 -26.03 11.16 2.90
N ALA A 136 -25.83 10.80 4.16
CA ALA A 136 -26.35 9.56 4.73
C ALA A 136 -27.87 9.54 4.93
N ASP A 137 -28.50 10.74 5.16
CA ASP A 137 -29.95 10.88 5.42
C ASP A 137 -30.57 12.21 4.92
N MET A 138 -31.81 12.50 5.36
CA MET A 138 -32.58 13.70 5.04
C MET A 138 -31.95 15.00 5.53
N ALA A 139 -31.46 15.02 6.78
CA ALA A 139 -30.84 16.19 7.39
C ALA A 139 -29.52 16.57 6.69
N ALA A 140 -28.71 15.56 6.30
CA ALA A 140 -27.45 15.77 5.58
C ALA A 140 -27.65 16.34 4.18
N LEU A 141 -28.84 16.08 3.55
CA LEU A 141 -29.20 16.63 2.24
CA LEU A 141 -29.22 16.62 2.24
C LEU A 141 -29.34 18.16 2.30
N ILE A 142 -29.71 18.72 3.48
CA ILE A 142 -29.81 20.17 3.68
C ILE A 142 -28.38 20.73 3.58
N THR A 143 -27.41 20.10 4.29
CA THR A 143 -25.98 20.44 4.30
C THR A 143 -25.37 20.29 2.89
N LYS A 144 -25.67 19.15 2.20
CA LYS A 144 -25.19 18.91 0.84
C LYS A 144 -25.58 20.05 -0.11
N HIS A 145 -26.88 20.43 -0.13
CA HIS A 145 -27.38 21.52 -0.98
C HIS A 145 -26.67 22.84 -0.70
N LYS A 146 -26.55 23.22 0.59
CA LYS A 146 -25.87 24.44 1.03
C LYS A 146 -24.40 24.48 0.56
N TRP A 147 -23.68 23.37 0.78
CA TRP A 147 -22.27 23.21 0.42
C TRP A 147 -22.03 23.11 -1.10
N GLU A 148 -23.01 22.58 -1.87
CA GLU A 148 -22.94 22.49 -3.33
C GLU A 148 -22.93 23.92 -3.92
N GLN A 149 -23.85 24.79 -3.44
CA GLN A 149 -23.98 26.20 -3.87
C GLN A 149 -22.75 27.03 -3.51
N ALA A 150 -22.29 26.94 -2.24
CA ALA A 150 -21.11 27.63 -1.71
C ALA A 150 -19.77 27.16 -2.29
N GLY A 151 -19.78 26.06 -3.05
CA GLY A 151 -18.60 25.46 -3.67
C GLY A 151 -17.64 24.88 -2.64
N GLU A 152 -18.18 24.35 -1.52
CA GLU A 152 -17.40 23.77 -0.42
C GLU A 152 -16.36 22.71 -0.84
N ALA A 153 -16.76 21.77 -1.72
CA ALA A 153 -15.89 20.70 -2.23
C ALA A 153 -14.59 21.26 -2.82
N GLU A 154 -14.71 22.32 -3.60
CA GLU A 154 -13.59 23.01 -4.26
CA GLU A 154 -13.59 22.97 -4.26
C GLU A 154 -12.67 23.65 -3.22
N ARG A 155 -13.25 24.27 -2.17
CA ARG A 155 -12.47 24.91 -1.09
C ARG A 155 -11.67 23.82 -0.32
N LEU A 156 -12.32 22.67 -0.08
CA LEU A 156 -11.72 21.52 0.62
C LEU A 156 -10.65 20.88 -0.20
N ARG A 157 -10.91 20.69 -1.52
CA ARG A 157 -9.96 20.16 -2.49
C ARG A 157 -8.69 21.01 -2.46
N ALA A 158 -8.82 22.37 -2.41
CA ALA A 158 -7.67 23.29 -2.33
C ALA A 158 -6.88 23.02 -1.04
N TYR A 159 -7.57 22.85 0.07
CA TYR A 159 -6.93 22.52 1.35
C TYR A 159 -6.18 21.17 1.32
N LEU A 160 -6.85 20.11 0.83
CA LEU A 160 -6.32 18.73 0.78
C LEU A 160 -5.12 18.59 -0.13
N GLU A 161 -5.15 19.24 -1.31
CA GLU A 161 -4.09 19.23 -2.30
C GLU A 161 -2.97 20.23 -1.98
N GLY A 162 -3.30 21.25 -1.20
CA GLY A 162 -2.34 22.31 -0.88
C GLY A 162 -1.82 22.20 0.53
N THR A 163 -2.44 22.97 1.43
CA THR A 163 -2.11 23.06 2.86
C THR A 163 -1.85 21.69 3.50
N CYS A 164 -2.80 20.74 3.34
CA CYS A 164 -2.64 19.44 3.98
C CYS A 164 -1.37 18.72 3.54
N VAL A 165 -1.15 18.66 2.21
CA VAL A 165 0.01 17.97 1.64
C VAL A 165 1.30 18.64 2.11
N GLU A 166 1.33 19.97 2.05
CA GLU A 166 2.48 20.81 2.37
C GLU A 166 2.83 20.73 3.83
N TRP A 167 1.83 20.79 4.72
CA TRP A 167 2.06 20.68 6.15
C TRP A 167 2.49 19.29 6.57
N LEU A 168 1.94 18.22 5.92
CA LEU A 168 2.38 16.84 6.19
C LEU A 168 3.89 16.70 5.91
N ARG A 169 4.41 17.35 4.81
CA ARG A 169 5.84 17.36 4.45
C ARG A 169 6.68 17.96 5.58
N ARG A 170 6.25 19.15 6.05
CA ARG A 170 6.88 19.89 7.16
CA ARG A 170 6.91 19.86 7.15
C ARG A 170 6.96 19.02 8.41
N TYR A 171 5.83 18.41 8.82
CA TYR A 171 5.76 17.55 10.01
C TYR A 171 6.64 16.33 9.86
N LEU A 172 6.64 15.71 8.66
CA LEU A 172 7.51 14.55 8.39
C LEU A 172 8.99 14.91 8.44
N LYS A 173 9.41 16.12 8.04
CA LYS A 173 10.82 16.51 8.15
C LYS A 173 11.24 16.52 9.64
N ASN A 174 10.31 16.92 10.52
CA ASN A 174 10.52 16.97 11.96
C ASN A 174 10.42 15.65 12.64
N GLY A 175 9.37 14.89 12.35
CA GLY A 175 9.13 13.63 13.05
C GLY A 175 9.53 12.31 12.42
N ASN A 176 10.01 12.32 11.16
CA ASN A 176 10.33 11.07 10.46
C ASN A 176 11.19 10.06 11.22
N ALA A 177 12.32 10.50 11.81
CA ALA A 177 13.22 9.61 12.58
C ALA A 177 12.45 8.89 13.70
N THR A 178 11.62 9.65 14.45
CA THR A 178 10.78 9.10 15.54
C THR A 178 9.62 8.26 14.99
N LEU A 179 8.96 8.74 13.92
CA LEU A 179 7.81 8.07 13.30
C LEU A 179 8.10 6.68 12.76
N LEU A 180 9.32 6.48 12.21
CA LEU A 180 9.73 5.19 11.65
CA LEU A 180 9.76 5.18 11.65
C LEU A 180 10.11 4.12 12.71
N ARG A 181 9.85 4.42 14.00
CA ARG A 181 10.08 3.51 15.14
C ARG A 181 9.39 2.17 14.90
N THR A 182 10.15 1.09 15.09
CA THR A 182 9.66 -0.26 15.00
C THR A 182 10.22 -1.05 16.18
N ASP A 183 9.32 -1.60 17.01
CA ASP A 183 9.71 -2.45 18.15
C ASP A 183 9.17 -3.83 17.84
N SER A 184 10.08 -4.79 17.63
CA SER A 184 9.68 -6.17 17.32
C SER A 184 8.99 -6.82 18.51
N PRO A 185 7.97 -7.67 18.30
CA PRO A 185 7.39 -8.38 19.45
C PRO A 185 8.37 -9.36 20.08
N LYS A 186 8.29 -9.51 21.42
CA LYS A 186 9.00 -10.49 22.25
C LYS A 186 7.87 -11.47 22.58
N ALA A 187 8.02 -12.73 22.19
CA ALA A 187 6.99 -13.74 22.34
C ALA A 187 7.33 -14.82 23.34
N HIS A 188 6.32 -15.35 24.05
CA HIS A 188 6.46 -16.49 24.96
C HIS A 188 5.14 -17.25 25.06
N VAL A 189 5.23 -18.52 25.43
CA VAL A 189 4.11 -19.42 25.58
C VAL A 189 3.90 -19.71 27.08
N THR A 190 2.66 -19.60 27.53
CA THR A 190 2.26 -19.97 28.89
C THR A 190 1.35 -21.17 28.81
N HIS A 191 1.37 -21.96 29.88
CA HIS A 191 0.66 -23.21 30.04
C HIS A 191 -0.31 -23.09 31.19
N HIS A 192 -1.60 -23.45 30.97
CA HIS A 192 -2.64 -23.36 32.02
C HIS A 192 -3.53 -24.57 32.05
N SER A 193 -3.82 -25.07 33.25
CA SER A 193 -4.67 -26.24 33.45
C SER A 193 -6.10 -25.96 32.96
N ARG A 194 -6.77 -27.00 32.44
CA ARG A 194 -8.18 -26.99 32.03
C ARG A 194 -8.79 -28.21 32.74
N PRO A 195 -10.13 -28.35 32.88
CA PRO A 195 -10.67 -29.57 33.51
C PRO A 195 -10.36 -30.79 32.66
N GLU A 196 -10.20 -31.94 33.31
CA GLU A 196 -9.89 -33.22 32.66
C GLU A 196 -8.47 -33.26 32.07
N ASP A 197 -8.35 -33.86 30.89
CA ASP A 197 -7.12 -34.10 30.18
C ASP A 197 -6.79 -33.00 29.17
N LYS A 198 -7.23 -31.75 29.46
CA LYS A 198 -6.97 -30.62 28.56
C LYS A 198 -6.10 -29.56 29.21
N VAL A 199 -5.36 -28.80 28.39
CA VAL A 199 -4.54 -27.68 28.81
C VAL A 199 -4.67 -26.55 27.81
N THR A 200 -4.47 -25.33 28.29
CA THR A 200 -4.44 -24.15 27.45
C THR A 200 -2.99 -23.71 27.28
N LEU A 201 -2.62 -23.49 26.02
CA LEU A 201 -1.37 -22.90 25.60
C LEU A 201 -1.71 -21.47 25.14
N ARG A 202 -1.09 -20.47 25.73
CA ARG A 202 -1.33 -19.06 25.40
C ARG A 202 -0.06 -18.47 24.85
N CYS A 203 -0.10 -18.04 23.60
CA CYS A 203 1.05 -17.45 22.96
C CYS A 203 0.96 -15.94 23.09
N TRP A 204 1.97 -15.34 23.71
CA TRP A 204 2.02 -13.92 23.99
C TRP A 204 2.99 -13.20 23.08
N ALA A 205 2.59 -12.03 22.57
CA ALA A 205 3.43 -11.08 21.83
C ALA A 205 3.42 -9.79 22.67
N LEU A 206 4.60 -9.32 23.12
CA LEU A 206 4.73 -8.13 23.97
C LEU A 206 5.72 -7.11 23.43
N GLY A 207 5.60 -5.89 23.92
CA GLY A 207 6.48 -4.79 23.61
C GLY A 207 6.62 -4.45 22.13
N PHE A 208 5.57 -4.65 21.35
CA PHE A 208 5.66 -4.39 19.92
C PHE A 208 5.05 -3.08 19.49
N TYR A 209 5.57 -2.58 18.38
CA TYR A 209 5.15 -1.34 17.77
C TYR A 209 5.61 -1.32 16.31
N PRO A 210 4.72 -1.02 15.33
CA PRO A 210 3.29 -0.64 15.43
C PRO A 210 2.37 -1.77 15.92
N ALA A 211 1.08 -1.45 16.14
CA ALA A 211 0.07 -2.37 16.66
C ALA A 211 -0.30 -3.55 15.74
N ASP A 212 -0.19 -3.37 14.41
CA ASP A 212 -0.53 -4.43 13.46
C ASP A 212 0.34 -5.67 13.71
N ILE A 213 -0.33 -6.80 13.96
CA ILE A 213 0.36 -8.08 14.24
C ILE A 213 -0.59 -9.22 13.92
N THR A 214 -0.05 -10.38 13.71
CA THR A 214 -0.80 -11.61 13.48
C THR A 214 -0.13 -12.69 14.29
N LEU A 215 -0.93 -13.41 15.08
CA LEU A 215 -0.56 -14.60 15.85
C LEU A 215 -1.40 -15.74 15.34
N THR A 216 -0.74 -16.87 15.05
CA THR A 216 -1.42 -18.10 14.65
C THR A 216 -0.90 -19.28 15.50
N TRP A 217 -1.70 -20.34 15.59
CA TRP A 217 -1.28 -21.60 16.17
C TRP A 217 -1.37 -22.65 15.04
N GLN A 218 -0.36 -23.50 14.94
CA GLN A 218 -0.34 -24.59 13.95
C GLN A 218 -0.26 -25.96 14.64
N LEU A 219 -0.94 -26.94 14.04
CA LEU A 219 -0.89 -28.35 14.41
C LEU A 219 -0.75 -29.08 13.08
N ASN A 220 0.25 -29.94 12.95
CA ASN A 220 0.50 -30.74 11.74
C ASN A 220 0.51 -29.86 10.44
N GLY A 221 1.25 -28.76 10.51
CA GLY A 221 1.41 -27.81 9.41
C GLY A 221 0.16 -27.07 8.98
N GLU A 222 -0.91 -27.08 9.79
CA GLU A 222 -2.15 -26.37 9.43
C GLU A 222 -2.58 -25.43 10.54
N GLU A 223 -2.99 -24.21 10.15
CA GLU A 223 -3.43 -23.19 11.11
C GLU A 223 -4.76 -23.52 11.73
N LEU A 224 -4.84 -23.41 13.05
CA LEU A 224 -6.04 -23.67 13.82
C LEU A 224 -6.89 -22.41 13.81
N ILE A 225 -8.15 -22.51 13.38
CA ILE A 225 -9.08 -21.36 13.26
C ILE A 225 -10.18 -21.52 14.30
N GLN A 226 -10.97 -22.61 14.17
CA GLN A 226 -12.02 -22.91 15.15
C GLN A 226 -11.34 -23.39 16.44
N ASP A 227 -11.88 -22.96 17.60
CA ASP A 227 -11.39 -23.25 18.95
C ASP A 227 -10.13 -22.47 19.40
N MET A 228 -9.64 -21.51 18.56
CA MET A 228 -8.52 -20.63 18.89
C MET A 228 -9.09 -19.31 19.47
N GLU A 229 -8.71 -18.98 20.71
CA GLU A 229 -9.15 -17.75 21.39
C GLU A 229 -8.08 -16.65 21.21
N LEU A 230 -8.52 -15.39 21.11
CA LEU A 230 -7.63 -14.22 21.04
C LEU A 230 -8.18 -13.00 21.77
N VAL A 231 -7.32 -12.02 22.03
CA VAL A 231 -7.74 -10.75 22.59
C VAL A 231 -7.45 -9.71 21.54
N GLU A 232 -8.24 -8.62 21.54
CA GLU A 232 -7.94 -7.52 20.64
C GLU A 232 -6.59 -6.94 21.11
N THR A 233 -5.76 -6.50 20.16
CA THR A 233 -4.48 -5.83 20.44
C THR A 233 -4.77 -4.68 21.38
N ARG A 234 -3.90 -4.49 22.36
CA ARG A 234 -4.14 -3.55 23.42
C ARG A 234 -2.86 -2.80 23.87
N PRO A 235 -2.99 -1.52 24.28
CA PRO A 235 -1.80 -0.78 24.71
C PRO A 235 -1.25 -1.21 26.08
N ALA A 236 0.09 -1.31 26.20
CA ALA A 236 0.70 -1.60 27.49
C ALA A 236 0.64 -0.30 28.33
N GLY A 237 0.57 0.83 27.62
CA GLY A 237 0.50 2.16 28.21
C GLY A 237 1.81 2.93 28.18
N ASP A 238 2.90 2.29 27.70
CA ASP A 238 4.26 2.83 27.59
C ASP A 238 4.67 3.05 26.12
N GLY A 239 3.70 3.00 25.22
CA GLY A 239 3.94 3.16 23.78
C GLY A 239 3.98 1.87 23.00
N THR A 240 3.94 0.73 23.70
CA THR A 240 3.94 -0.60 23.06
C THR A 240 2.59 -1.32 23.18
N PHE A 241 2.42 -2.37 22.39
CA PHE A 241 1.20 -3.15 22.32
C PHE A 241 1.38 -4.61 22.77
N GLN A 242 0.26 -5.25 23.07
CA GLN A 242 0.21 -6.62 23.54
C GLN A 242 -0.90 -7.30 22.81
N LYS A 243 -0.72 -8.61 22.64
CA LYS A 243 -1.70 -9.51 22.08
C LYS A 243 -1.36 -10.94 22.53
N TRP A 244 -2.41 -11.75 22.63
CA TRP A 244 -2.25 -13.18 22.86
C TRP A 244 -3.26 -13.97 22.06
N ALA A 245 -2.90 -15.23 21.76
CA ALA A 245 -3.72 -16.22 21.09
C ALA A 245 -3.54 -17.50 21.89
N SER A 246 -4.63 -18.18 22.22
CA SER A 246 -4.54 -19.42 22.96
C SER A 246 -5.33 -20.53 22.30
N VAL A 247 -4.94 -21.79 22.57
CA VAL A 247 -5.66 -22.96 22.06
C VAL A 247 -5.77 -23.98 23.19
N VAL A 248 -6.85 -24.77 23.18
CA VAL A 248 -7.07 -25.86 24.14
C VAL A 248 -6.54 -27.13 23.48
N VAL A 249 -5.57 -27.80 24.14
CA VAL A 249 -4.88 -28.96 23.56
C VAL A 249 -4.92 -30.18 24.52
N PRO A 250 -4.72 -31.40 24.01
CA PRO A 250 -4.73 -32.57 24.89
C PRO A 250 -3.49 -32.52 25.78
N LEU A 251 -3.66 -32.93 27.02
CA LEU A 251 -2.56 -32.98 27.95
C LEU A 251 -1.53 -33.98 27.39
N GLY A 252 -0.26 -33.62 27.42
CA GLY A 252 0.79 -34.50 26.93
C GLY A 252 1.15 -34.23 25.48
N LYS A 253 0.31 -33.45 24.76
CA LYS A 253 0.48 -33.13 23.33
C LYS A 253 0.94 -31.67 23.05
N GLU A 254 1.40 -30.96 24.12
CA GLU A 254 1.87 -29.58 24.02
C GLU A 254 2.93 -29.33 22.95
N GLN A 255 3.89 -30.29 22.77
CA GLN A 255 4.98 -30.13 21.78
C GLN A 255 4.54 -30.32 20.33
N TYR A 256 3.25 -30.63 20.08
CA TYR A 256 2.72 -30.84 18.73
C TYR A 256 2.20 -29.55 18.15
N TYR A 257 2.15 -28.50 18.99
CA TYR A 257 1.63 -27.19 18.64
C TYR A 257 2.71 -26.13 18.60
N THR A 258 2.65 -25.28 17.54
CA THR A 258 3.57 -24.18 17.32
C THR A 258 2.83 -22.88 17.15
N CYS A 259 3.31 -21.85 17.86
CA CYS A 259 2.80 -20.51 17.71
C CYS A 259 3.64 -19.71 16.71
N HIS A 260 2.99 -18.97 15.82
CA HIS A 260 3.69 -18.10 14.85
C HIS A 260 3.32 -16.64 15.04
N VAL A 261 4.37 -15.77 15.06
CA VAL A 261 4.18 -14.31 15.28
C VAL A 261 4.65 -13.58 14.02
N TYR A 262 3.73 -12.85 13.35
CA TYR A 262 3.98 -12.09 12.11
C TYR A 262 3.90 -10.62 12.40
N HIS A 263 4.97 -9.84 12.08
CA HIS A 263 5.00 -8.39 12.34
C HIS A 263 5.98 -7.74 11.38
N GLN A 264 5.75 -6.45 11.08
CA GLN A 264 6.64 -5.70 10.18
C GLN A 264 8.11 -5.64 10.64
N GLY A 265 8.34 -5.67 11.95
CA GLY A 265 9.68 -5.67 12.52
C GLY A 265 10.31 -7.04 12.51
N LEU A 266 9.57 -8.05 11.97
CA LEU A 266 10.04 -9.44 11.87
C LEU A 266 10.37 -9.86 10.41
N PRO A 267 11.63 -9.70 9.96
CA PRO A 267 12.01 -10.23 8.62
C PRO A 267 11.62 -11.72 8.49
N GLU A 268 11.82 -12.47 9.58
CA GLU A 268 11.41 -13.86 9.70
C GLU A 268 10.37 -13.94 10.85
N PRO A 269 9.18 -14.53 10.62
CA PRO A 269 8.20 -14.67 11.71
C PRO A 269 8.77 -15.52 12.85
N LEU A 270 8.36 -15.22 14.09
CA LEU A 270 8.78 -16.01 15.25
C LEU A 270 8.01 -17.34 15.24
N THR A 271 8.70 -18.43 15.59
CA THR A 271 8.09 -19.75 15.74
C THR A 271 8.49 -20.21 17.12
N LEU A 272 7.49 -20.56 17.91
CA LEU A 272 7.75 -20.96 19.29
C LEU A 272 6.77 -22.00 19.76
N ARG A 273 7.24 -22.77 20.74
CA ARG A 273 6.46 -23.77 21.42
C ARG A 273 6.53 -23.57 22.94
N TRP A 274 5.70 -24.31 23.63
CA TRP A 274 5.72 -24.39 25.08
C TRP A 274 7.03 -25.05 25.49
N GLU A 275 7.74 -24.31 26.34
CA GLU A 275 9.00 -24.75 26.90
C GLU A 275 8.81 -24.96 28.42
N PRO A 276 8.56 -26.20 28.88
CA PRO A 276 8.40 -26.42 30.33
C PRO A 276 9.66 -26.00 31.10
N PRO A 277 9.54 -25.01 32.05
CA PRO A 277 10.73 -24.54 32.79
C PRO A 277 11.64 -25.62 33.42
N PRO A 278 12.94 -25.29 33.70
CA PRO A 278 13.84 -26.29 34.31
C PRO A 278 13.48 -26.72 35.74
N ILE B 1 -28.66 3.96 18.65
CA ILE B 1 -27.50 4.76 18.31
C ILE B 1 -26.31 4.56 19.27
N GLN B 2 -26.57 3.94 20.43
CA GLN B 2 -25.58 3.68 21.48
C GLN B 2 -24.76 2.42 21.25
N LYS B 3 -23.47 2.49 21.61
CA LYS B 3 -22.52 1.40 21.47
C LYS B 3 -22.00 0.96 22.83
N THR B 4 -22.16 -0.35 23.15
CA THR B 4 -21.75 -1.01 24.38
C THR B 4 -20.22 -1.08 24.50
N PRO B 5 -19.64 -0.59 25.61
CA PRO B 5 -18.17 -0.65 25.73
C PRO B 5 -17.62 -2.07 25.86
N GLN B 6 -16.51 -2.36 25.14
CA GLN B 6 -15.79 -3.63 25.27
C GLN B 6 -14.67 -3.35 26.28
N ILE B 7 -14.44 -4.24 27.25
CA ILE B 7 -13.47 -3.97 28.32
C ILE B 7 -12.36 -5.00 28.41
N GLN B 8 -11.12 -4.55 28.57
CA GLN B 8 -10.01 -5.47 28.82
C GLN B 8 -9.30 -4.98 30.08
N VAL B 9 -9.02 -5.91 31.03
CA VAL B 9 -8.32 -5.60 32.27
C VAL B 9 -7.07 -6.47 32.31
N TYR B 10 -5.89 -5.87 32.42
CA TYR B 10 -4.60 -6.60 32.29
C TYR B 10 -3.47 -5.75 32.80
N SER B 11 -2.35 -6.38 33.07
CA SER B 11 -1.16 -5.69 33.58
C SER B 11 -0.23 -5.30 32.46
N ARG B 12 0.50 -4.18 32.68
CA ARG B 12 1.47 -3.65 31.72
C ARG B 12 2.58 -4.69 31.46
N HIS B 13 3.02 -5.33 32.54
CA HIS B 13 4.05 -6.35 32.46
C HIS B 13 3.52 -7.66 32.99
N PRO B 14 4.09 -8.82 32.51
CA PRO B 14 3.72 -10.12 33.10
C PRO B 14 3.73 -10.03 34.63
N PRO B 15 2.66 -10.47 35.32
CA PRO B 15 2.61 -10.25 36.79
C PRO B 15 3.52 -11.17 37.62
N GLU B 16 4.17 -10.61 38.65
CA GLU B 16 5.05 -11.32 39.57
C GLU B 16 4.69 -10.82 40.96
N ASN B 17 4.27 -11.73 41.85
CA ASN B 17 3.86 -11.40 43.21
C ASN B 17 4.96 -10.66 43.96
N GLY B 18 4.62 -9.49 44.51
CA GLY B 18 5.53 -8.61 45.23
C GLY B 18 6.34 -7.64 44.37
N LYS B 19 6.13 -7.65 43.03
CA LYS B 19 6.85 -6.77 42.10
CA LYS B 19 6.85 -6.77 42.10
C LYS B 19 5.94 -5.65 41.56
N PRO B 20 6.31 -4.34 41.74
CA PRO B 20 5.44 -3.26 41.23
C PRO B 20 5.16 -3.35 39.76
N ASN B 21 3.94 -2.98 39.39
CA ASN B 21 3.45 -3.07 38.03
C ASN B 21 2.37 -1.98 37.85
N ILE B 22 1.70 -1.99 36.71
CA ILE B 22 0.63 -1.10 36.32
C ILE B 22 -0.53 -1.98 35.89
N LEU B 23 -1.74 -1.67 36.36
CA LEU B 23 -2.94 -2.37 35.96
C LEU B 23 -3.75 -1.45 35.05
N ASN B 24 -4.10 -1.96 33.87
CA ASN B 24 -4.80 -1.25 32.81
C ASN B 24 -6.24 -1.70 32.66
N CYS B 25 -7.07 -0.76 32.33
CA CYS B 25 -8.45 -1.00 31.99
C CYS B 25 -8.67 -0.23 30.70
N TYR B 26 -8.60 -0.96 29.58
CA TYR B 26 -8.78 -0.51 28.20
C TYR B 26 -10.25 -0.65 27.81
N VAL B 27 -10.92 0.46 27.52
CA VAL B 27 -12.35 0.45 27.21
C VAL B 27 -12.53 1.00 25.80
N THR B 28 -13.18 0.24 24.93
CA THR B 28 -13.29 0.60 23.52
C THR B 28 -14.70 0.41 23.05
N GLN B 29 -14.99 0.80 21.81
CA GLN B 29 -16.27 0.54 21.12
C GLN B 29 -17.49 1.16 21.71
N PHE B 30 -17.34 2.32 22.40
CA PHE B 30 -18.45 2.99 23.02
C PHE B 30 -18.84 4.30 22.40
N HIS B 31 -20.10 4.67 22.58
CA HIS B 31 -20.74 5.88 22.11
C HIS B 31 -22.05 5.99 22.85
N PRO B 32 -22.41 7.13 23.51
CA PRO B 32 -21.70 8.42 23.56
C PRO B 32 -20.35 8.42 24.31
N PRO B 33 -19.53 9.49 24.21
CA PRO B 33 -18.20 9.46 24.84
C PRO B 33 -18.24 9.53 26.36
N HIS B 34 -19.36 10.01 26.95
CA HIS B 34 -19.47 10.06 28.39
C HIS B 34 -19.41 8.64 28.94
N ILE B 35 -18.44 8.39 29.83
CA ILE B 35 -18.21 7.11 30.48
C ILE B 35 -17.70 7.36 31.90
N GLU B 36 -17.96 6.42 32.83
CA GLU B 36 -17.46 6.48 34.20
C GLU B 36 -16.72 5.17 34.43
N ILE B 37 -15.41 5.27 34.73
CA ILE B 37 -14.53 4.12 34.93
C ILE B 37 -13.99 4.12 36.33
N GLN B 38 -14.18 3.02 37.01
CA GLN B 38 -13.69 2.81 38.36
C GLN B 38 -12.78 1.58 38.35
N MET B 39 -11.67 1.62 39.08
CA MET B 39 -10.84 0.44 39.27
C MET B 39 -10.98 0.06 40.75
N LEU B 40 -11.23 -1.24 41.02
CA LEU B 40 -11.52 -1.76 42.35
C LEU B 40 -10.48 -2.74 42.89
N LYS B 41 -10.08 -2.56 44.17
CA LYS B 41 -9.16 -3.48 44.81
C LYS B 41 -9.90 -4.17 45.96
N ASN B 42 -10.15 -5.51 45.81
CA ASN B 42 -10.91 -6.31 46.78
C ASN B 42 -12.30 -5.67 47.05
N GLY B 43 -12.95 -5.25 45.96
CA GLY B 43 -14.28 -4.65 45.97
C GLY B 43 -14.36 -3.19 46.38
N LYS B 44 -13.20 -2.55 46.68
CA LYS B 44 -13.15 -1.14 47.10
C LYS B 44 -12.51 -0.30 46.05
N LYS B 45 -13.01 0.92 45.89
CA LYS B 45 -12.52 1.88 44.92
C LYS B 45 -11.06 2.27 45.13
N ILE B 46 -10.27 2.25 44.05
CA ILE B 46 -8.87 2.67 44.03
C ILE B 46 -8.87 4.19 43.79
N PRO B 47 -8.24 4.99 44.68
CA PRO B 47 -8.27 6.45 44.52
C PRO B 47 -7.44 7.00 43.33
N LYS B 48 -6.14 6.64 43.23
CA LYS B 48 -5.29 7.16 42.16
C LYS B 48 -5.38 6.38 40.83
N VAL B 49 -6.41 6.71 40.03
CA VAL B 49 -6.65 6.07 38.73
C VAL B 49 -6.41 7.16 37.66
N GLU B 50 -5.38 6.97 36.85
CA GLU B 50 -5.03 7.89 35.79
C GLU B 50 -5.85 7.55 34.55
N MET B 51 -6.24 8.56 33.78
N MET B 51 -6.24 8.56 33.78
CA MET B 51 -7.03 8.34 32.55
CA MET B 51 -7.03 8.34 32.55
C MET B 51 -6.31 8.94 31.34
C MET B 51 -6.31 8.94 31.34
N SER B 52 -6.41 8.25 30.18
CA SER B 52 -5.83 8.77 28.96
C SER B 52 -6.81 9.83 28.45
N ASP B 53 -6.37 10.67 27.52
CA ASP B 53 -7.25 11.62 26.90
C ASP B 53 -8.14 10.79 26.00
N MET B 54 -9.39 11.21 25.78
CA MET B 54 -10.19 10.31 24.96
C MET B 54 -10.01 10.58 23.48
N SER B 55 -9.94 9.48 22.73
CA SER B 55 -9.76 9.44 21.29
C SER B 55 -10.90 8.60 20.69
N PHE B 56 -11.09 8.67 19.36
CA PHE B 56 -12.11 7.84 18.71
C PHE B 56 -11.53 7.17 17.49
N SER B 57 -12.18 6.09 17.04
CA SER B 57 -11.72 5.31 15.89
C SER B 57 -12.43 5.68 14.63
N LYS B 58 -11.93 5.19 13.47
CA LYS B 58 -12.53 5.42 12.13
C LYS B 58 -14.02 5.06 12.11
N ASP B 59 -14.46 4.10 12.95
CA ASP B 59 -15.85 3.67 13.02
C ASP B 59 -16.70 4.56 13.93
N TRP B 60 -16.09 5.67 14.45
CA TRP B 60 -16.68 6.71 15.32
C TRP B 60 -16.76 6.36 16.82
N SER B 61 -16.56 5.10 17.17
CA SER B 61 -16.57 4.69 18.58
C SER B 61 -15.33 5.25 19.33
N PHE B 62 -15.53 5.59 20.59
CA PHE B 62 -14.52 6.15 21.48
C PHE B 62 -13.75 5.10 22.24
N TYR B 63 -12.55 5.46 22.70
CA TYR B 63 -11.71 4.52 23.48
C TYR B 63 -10.88 5.31 24.44
N ILE B 64 -10.53 4.71 25.57
CA ILE B 64 -9.78 5.39 26.62
C ILE B 64 -9.05 4.30 27.40
N LEU B 65 -7.87 4.62 27.94
CA LEU B 65 -7.10 3.71 28.75
C LEU B 65 -7.02 4.30 30.16
N ALA B 66 -7.50 3.54 31.13
CA ALA B 66 -7.42 3.88 32.56
C ALA B 66 -6.33 2.97 33.12
N HIS B 67 -5.50 3.50 34.02
CA HIS B 67 -4.46 2.71 34.67
C HIS B 67 -4.22 3.07 36.12
N THR B 68 -3.58 2.16 36.87
CA THR B 68 -3.21 2.38 38.27
C THR B 68 -1.98 1.58 38.68
N GLU B 69 -1.19 2.12 39.62
CA GLU B 69 0.00 1.48 40.16
C GLU B 69 -0.48 0.38 41.10
N PHE B 70 0.08 -0.83 40.98
CA PHE B 70 -0.30 -1.92 41.86
C PHE B 70 0.84 -2.92 42.02
N THR B 71 0.92 -3.58 43.18
CA THR B 71 1.90 -4.62 43.47
C THR B 71 1.08 -5.93 43.68
N PRO B 72 0.99 -6.81 42.63
CA PRO B 72 0.17 -8.03 42.77
C PRO B 72 0.58 -8.95 43.91
N THR B 73 -0.42 -9.60 44.52
CA THR B 73 -0.24 -10.62 45.56
C THR B 73 -1.01 -11.84 45.06
N GLU B 74 -0.79 -12.99 45.67
CA GLU B 74 -1.50 -14.18 45.24
C GLU B 74 -3.04 -14.09 45.48
N THR B 75 -3.49 -13.33 46.50
CA THR B 75 -4.89 -13.26 46.91
C THR B 75 -5.68 -11.98 46.65
N ASP B 76 -5.03 -10.88 46.27
CA ASP B 76 -5.76 -9.65 45.99
C ASP B 76 -6.53 -9.71 44.68
N THR B 77 -7.78 -9.30 44.74
CA THR B 77 -8.71 -9.27 43.62
C THR B 77 -8.75 -7.84 43.05
N TYR B 78 -8.65 -7.72 41.73
CA TYR B 78 -8.69 -6.44 41.03
C TYR B 78 -9.74 -6.48 39.96
N ALA B 79 -10.45 -5.36 39.81
CA ALA B 79 -11.48 -5.27 38.80
C ALA B 79 -11.60 -3.85 38.22
N CYS B 80 -12.29 -3.75 37.09
CA CYS B 80 -12.61 -2.49 36.47
C CYS B 80 -14.12 -2.46 36.33
N ARG B 81 -14.75 -1.41 36.84
CA ARG B 81 -16.21 -1.25 36.74
C ARG B 81 -16.48 -0.06 35.84
N VAL B 82 -17.36 -0.23 34.86
CA VAL B 82 -17.67 0.78 33.88
C VAL B 82 -19.14 1.08 33.85
N LYS B 83 -19.47 2.38 33.84
CA LYS B 83 -20.83 2.90 33.80
C LYS B 83 -20.97 3.74 32.52
N HIS B 84 -21.85 3.28 31.62
CA HIS B 84 -22.10 3.91 30.32
C HIS B 84 -23.61 3.72 29.97
N ASP B 85 -24.23 4.71 29.31
CA ASP B 85 -25.67 4.69 29.02
C ASP B 85 -26.23 3.58 28.11
N SER B 86 -25.35 2.85 27.38
CA SER B 86 -25.74 1.73 26.52
C SER B 86 -26.09 0.48 27.36
N MET B 87 -25.78 0.50 28.69
CA MET B 87 -26.00 -0.60 29.63
C MET B 87 -26.92 -0.21 30.77
N ALA B 88 -27.82 -1.14 31.16
CA ALA B 88 -28.78 -0.94 32.25
C ALA B 88 -28.13 -0.84 33.61
N GLU B 89 -26.99 -1.52 33.80
CA GLU B 89 -26.25 -1.53 35.07
C GLU B 89 -24.73 -1.39 34.81
N PRO B 90 -23.92 -1.00 35.82
CA PRO B 90 -22.46 -0.95 35.62
C PRO B 90 -21.89 -2.32 35.26
N LYS B 91 -20.86 -2.35 34.44
CA LYS B 91 -20.24 -3.61 34.03
C LYS B 91 -18.93 -3.81 34.77
N THR B 92 -18.78 -4.96 35.45
CA THR B 92 -17.54 -5.23 36.18
C THR B 92 -16.74 -6.29 35.43
N VAL B 93 -15.42 -6.08 35.29
CA VAL B 93 -14.53 -7.05 34.63
C VAL B 93 -13.35 -7.23 35.57
N TYR B 94 -13.16 -8.47 36.05
CA TYR B 94 -12.09 -8.88 36.94
C TYR B 94 -10.78 -9.13 36.21
N TRP B 95 -9.68 -8.77 36.87
CA TRP B 95 -8.34 -9.04 36.39
C TRP B 95 -8.04 -10.55 36.56
N ASP B 96 -7.57 -11.16 35.48
CA ASP B 96 -7.22 -12.58 35.50
C ASP B 96 -5.75 -12.56 35.09
N ARG B 97 -4.84 -12.87 36.04
CA ARG B 97 -3.40 -12.81 35.81
C ARG B 97 -2.89 -13.65 34.65
N ASP B 98 -3.68 -14.64 34.19
CA ASP B 98 -3.34 -15.52 33.09
C ASP B 98 -3.75 -14.98 31.73
N MET B 99 -4.47 -13.87 31.71
CA MET B 99 -4.97 -13.22 30.49
C MET B 99 -4.49 -11.77 30.31
N GLY C 1 7.18 -2.04 3.21
CA GLY C 1 5.83 -2.21 2.66
C GLY C 1 5.56 -3.58 2.07
N PRO C 2 4.59 -3.69 1.12
CA PRO C 2 4.30 -5.02 0.52
C PRO C 2 5.33 -5.47 -0.53
N HIS C 3 5.43 -6.78 -0.74
CA HIS C 3 6.37 -7.38 -1.66
C HIS C 3 5.75 -8.50 -2.52
N SER C 4 6.34 -8.77 -3.68
CA SER C 4 5.87 -9.82 -4.58
C SER C 4 6.98 -10.67 -5.18
N LEU C 5 6.63 -11.93 -5.45
CA LEU C 5 7.47 -12.90 -6.11
C LEU C 5 6.60 -13.41 -7.23
N ARG C 6 7.03 -13.18 -8.47
CA ARG C 6 6.24 -13.56 -9.64
CA ARG C 6 6.25 -13.55 -9.64
C ARG C 6 7.13 -14.20 -10.70
N TYR C 7 6.62 -15.28 -11.32
CA TYR C 7 7.30 -15.97 -12.41
C TYR C 7 6.49 -15.79 -13.67
N PHE C 8 7.18 -15.29 -14.71
CA PHE C 8 6.64 -15.04 -16.03
C PHE C 8 7.23 -16.11 -16.95
N VAL C 9 6.32 -16.97 -17.42
CA VAL C 9 6.68 -18.15 -18.20
C VAL C 9 6.09 -18.07 -19.63
N THR C 10 6.91 -18.46 -20.60
CA THR C 10 6.60 -18.47 -22.02
C THR C 10 7.11 -19.77 -22.62
N ALA C 11 6.24 -20.41 -23.41
CA ALA C 11 6.56 -21.58 -24.19
C ALA C 11 6.08 -21.21 -25.60
N VAL C 12 7.01 -21.23 -26.59
CA VAL C 12 6.71 -20.85 -27.97
C VAL C 12 7.06 -21.96 -28.92
N SER C 13 6.04 -22.54 -29.60
CA SER C 13 6.35 -23.61 -30.57
C SER C 13 6.84 -23.00 -31.88
N ARG C 14 7.72 -23.72 -32.57
CA ARG C 14 8.27 -23.24 -33.84
C ARG C 14 8.39 -24.46 -34.77
N PRO C 15 7.24 -25.05 -35.20
CA PRO C 15 7.30 -26.28 -36.01
C PRO C 15 8.25 -26.18 -37.21
N GLY C 16 9.11 -27.17 -37.34
CA GLY C 16 10.13 -27.27 -38.38
C GLY C 16 11.43 -26.53 -38.09
N LEU C 17 11.41 -25.59 -37.12
CA LEU C 17 12.57 -24.77 -36.73
C LEU C 17 13.21 -25.24 -35.42
N GLY C 18 12.84 -26.44 -34.97
CA GLY C 18 13.36 -27.06 -33.76
C GLY C 18 12.35 -27.16 -32.64
N GLU C 19 12.87 -27.38 -31.42
CA GLU C 19 12.07 -27.54 -30.21
C GLU C 19 11.42 -26.23 -29.77
N PRO C 20 10.27 -26.27 -29.07
CA PRO C 20 9.68 -25.01 -28.56
C PRO C 20 10.67 -24.25 -27.69
N ARG C 21 10.64 -22.91 -27.71
CA ARG C 21 11.49 -22.15 -26.82
C ARG C 21 10.71 -21.98 -25.50
N TYR C 22 11.35 -22.33 -24.39
CA TYR C 22 10.79 -22.22 -23.05
C TYR C 22 11.64 -21.24 -22.23
N MET C 23 10.98 -20.35 -21.47
CA MET C 23 11.63 -19.34 -20.64
C MET C 23 10.87 -19.19 -19.33
N GLU C 24 11.62 -19.04 -18.23
CA GLU C 24 11.09 -18.77 -16.89
C GLU C 24 11.81 -17.55 -16.43
N VAL C 25 11.08 -16.48 -16.12
CA VAL C 25 11.69 -15.24 -15.70
C VAL C 25 11.09 -14.89 -14.35
N GLY C 26 11.95 -14.74 -13.34
CA GLY C 26 11.48 -14.43 -11.99
C GLY C 26 11.63 -12.98 -11.63
N TYR C 27 10.64 -12.47 -10.90
CA TYR C 27 10.62 -11.07 -10.46
C TYR C 27 10.37 -10.96 -8.98
N VAL C 28 11.19 -10.15 -8.31
CA VAL C 28 10.97 -9.77 -6.91
C VAL C 28 10.65 -8.29 -6.98
N ASP C 29 9.42 -7.89 -6.57
CA ASP C 29 9.01 -6.48 -6.65
C ASP C 29 9.25 -5.86 -8.03
N ASP C 30 8.81 -6.54 -9.11
CA ASP C 30 8.95 -6.06 -10.50
C ASP C 30 10.40 -5.96 -11.03
N THR C 31 11.38 -6.48 -10.29
CA THR C 31 12.78 -6.51 -10.66
C THR C 31 13.11 -7.95 -11.08
N GLU C 32 13.65 -8.14 -12.28
CA GLU C 32 14.05 -9.49 -12.73
C GLU C 32 15.25 -9.95 -11.88
N PHE C 33 15.20 -11.17 -11.32
CA PHE C 33 16.29 -11.63 -10.45
C PHE C 33 16.82 -13.01 -10.89
N VAL C 34 16.01 -13.73 -11.70
CA VAL C 34 16.36 -15.05 -12.25
C VAL C 34 15.79 -15.20 -13.65
N ARG C 35 16.48 -16.03 -14.46
CA ARG C 35 16.02 -16.35 -15.81
C ARG C 35 16.48 -17.72 -16.21
N PHE C 36 15.57 -18.46 -16.85
CA PHE C 36 15.92 -19.72 -17.50
C PHE C 36 15.48 -19.54 -18.93
N ASP C 37 16.36 -19.88 -19.88
CA ASP C 37 16.07 -19.80 -21.30
C ASP C 37 16.54 -21.08 -21.95
N SER C 38 15.58 -21.88 -22.41
CA SER C 38 15.90 -23.17 -23.06
C SER C 38 16.73 -23.04 -24.34
N ASP C 39 16.79 -21.86 -24.97
CA ASP C 39 17.54 -21.70 -26.24
C ASP C 39 19.08 -21.68 -26.08
N ALA C 40 19.67 -22.80 -25.60
CA ALA C 40 21.12 -22.96 -25.39
C ALA C 40 21.50 -24.43 -25.43
N GLU C 41 22.81 -24.70 -25.61
CA GLU C 41 23.46 -26.01 -25.71
C GLU C 41 23.35 -26.78 -24.37
N ASN C 42 23.41 -26.03 -23.26
CA ASN C 42 23.25 -26.55 -21.89
C ASN C 42 22.50 -25.46 -21.09
N PRO C 43 21.16 -25.35 -21.29
CA PRO C 43 20.39 -24.29 -20.59
C PRO C 43 20.40 -24.41 -19.07
N ARG C 44 20.55 -23.29 -18.35
CA ARG C 44 20.61 -23.29 -16.88
C ARG C 44 19.91 -22.07 -16.30
N TYR C 45 19.41 -22.19 -15.07
CA TYR C 45 18.87 -21.07 -14.32
C TYR C 45 20.09 -20.17 -14.01
N GLU C 46 19.92 -18.86 -14.17
CA GLU C 46 20.98 -17.88 -14.00
C GLU C 46 20.52 -16.72 -13.13
N PRO C 47 21.43 -16.18 -12.27
CA PRO C 47 21.07 -14.99 -11.50
C PRO C 47 21.00 -13.76 -12.42
N ARG C 48 20.05 -12.84 -12.18
CA ARG C 48 19.87 -11.63 -12.99
C ARG C 48 20.09 -10.38 -12.15
N ALA C 49 20.42 -10.59 -10.88
CA ALA C 49 20.76 -9.57 -9.90
C ALA C 49 21.94 -10.19 -9.12
N ARG C 50 23.00 -9.41 -8.89
CA ARG C 50 24.21 -9.86 -8.19
C ARG C 50 24.01 -10.40 -6.78
N TRP C 51 22.96 -9.94 -6.06
CA TRP C 51 22.61 -10.45 -4.72
C TRP C 51 22.10 -11.91 -4.75
N MET C 52 21.73 -12.40 -5.95
CA MET C 52 21.29 -13.78 -6.12
C MET C 52 22.44 -14.76 -6.11
N GLU C 53 23.65 -14.29 -6.44
CA GLU C 53 24.90 -15.09 -6.44
C GLU C 53 25.27 -15.63 -5.04
N GLN C 54 24.59 -15.14 -3.98
CA GLN C 54 24.72 -15.61 -2.61
C GLN C 54 24.13 -17.06 -2.50
N GLU C 55 23.22 -17.46 -3.44
CA GLU C 55 22.65 -18.81 -3.50
C GLU C 55 23.71 -19.73 -4.11
N GLY C 56 23.97 -20.85 -3.44
CA GLY C 56 24.98 -21.81 -3.88
C GLY C 56 24.60 -22.70 -5.05
N PRO C 57 25.55 -23.60 -5.49
CA PRO C 57 25.27 -24.48 -6.65
C PRO C 57 24.07 -25.42 -6.53
N GLU C 58 23.74 -25.90 -5.31
CA GLU C 58 22.57 -26.75 -5.05
C GLU C 58 21.29 -26.03 -5.46
N TYR C 59 21.18 -24.72 -5.18
CA TYR C 59 20.02 -23.92 -5.58
C TYR C 59 19.90 -23.86 -7.13
N TRP C 60 21.01 -23.60 -7.83
CA TRP C 60 20.99 -23.48 -9.30
C TRP C 60 20.64 -24.76 -10.02
N GLU C 61 21.20 -25.87 -9.52
CA GLU C 61 20.99 -27.22 -10.03
C GLU C 61 19.53 -27.64 -9.91
N ARG C 62 18.93 -27.41 -8.74
CA ARG C 62 17.54 -27.74 -8.46
C ARG C 62 16.60 -26.90 -9.35
N GLU C 63 16.81 -25.57 -9.41
CA GLU C 63 15.97 -24.71 -10.23
C GLU C 63 16.07 -25.07 -11.72
N THR C 64 17.28 -25.42 -12.16
CA THR C 64 17.56 -25.84 -13.54
C THR C 64 16.77 -27.12 -13.85
N GLN C 65 16.82 -28.11 -12.93
CA GLN C 65 16.13 -29.37 -13.14
C GLN C 65 14.62 -29.23 -13.21
N LYS C 66 14.05 -28.44 -12.29
CA LYS C 66 12.63 -28.12 -12.25
C LYS C 66 12.19 -27.34 -13.51
N ALA C 67 13.00 -26.38 -14.01
CA ALA C 67 12.67 -25.65 -15.24
C ALA C 67 12.67 -26.59 -16.47
N LYS C 68 13.62 -27.51 -16.53
CA LYS C 68 13.68 -28.50 -17.62
CA LYS C 68 13.68 -28.50 -17.63
C LYS C 68 12.45 -29.43 -17.55
N GLY C 69 12.00 -29.75 -16.34
CA GLY C 69 10.81 -30.56 -16.10
C GLY C 69 9.56 -29.79 -16.49
N ASN C 70 9.51 -28.50 -16.16
CA ASN C 70 8.43 -27.59 -16.59
C ASN C 70 8.43 -27.42 -18.12
N GLU C 71 9.61 -27.35 -18.76
CA GLU C 71 9.69 -27.22 -20.23
C GLU C 71 8.97 -28.42 -20.94
N GLN C 72 9.17 -29.65 -20.42
CA GLN C 72 8.55 -30.87 -20.92
C GLN C 72 7.03 -30.82 -20.83
N SER C 73 6.49 -30.36 -19.68
CA SER C 73 5.05 -30.20 -19.46
C SER C 73 4.45 -29.20 -20.45
N PHE C 74 5.15 -28.08 -20.72
CA PHE C 74 4.67 -27.08 -21.69
C PHE C 74 4.75 -27.57 -23.15
N ARG C 75 5.77 -28.43 -23.46
CA ARG C 75 5.89 -29.06 -24.79
C ARG C 75 4.62 -29.91 -25.03
N VAL C 76 4.23 -30.71 -24.01
CA VAL C 76 3.02 -31.55 -23.99
C VAL C 76 1.76 -30.65 -24.12
N ASP C 77 1.65 -29.58 -23.24
CA ASP C 77 0.54 -28.60 -23.24
C ASP C 77 0.32 -27.96 -24.62
N LEU C 78 1.41 -27.58 -25.32
CA LEU C 78 1.33 -27.03 -26.68
C LEU C 78 0.63 -28.00 -27.66
N ARG C 79 0.89 -29.32 -27.56
CA ARG C 79 0.24 -30.35 -28.40
CA ARG C 79 0.24 -30.33 -28.41
C ARG C 79 -1.25 -30.47 -28.00
N THR C 80 -1.52 -30.55 -26.68
CA THR C 80 -2.86 -30.66 -26.09
C THR C 80 -3.75 -29.54 -26.61
N LEU C 81 -3.25 -28.30 -26.61
CA LEU C 81 -3.97 -27.12 -27.07
C LEU C 81 -4.32 -27.12 -28.56
N LEU C 82 -3.47 -27.68 -29.41
CA LEU C 82 -3.76 -27.80 -30.83
C LEU C 82 -5.07 -28.62 -31.01
N GLY C 83 -5.19 -29.72 -30.26
CA GLY C 83 -6.36 -30.59 -30.21
C GLY C 83 -7.58 -29.84 -29.71
N TYR C 84 -7.48 -29.21 -28.54
CA TYR C 84 -8.58 -28.42 -27.94
C TYR C 84 -9.17 -27.37 -28.91
N TYR C 85 -8.31 -26.73 -29.73
CA TYR C 85 -8.70 -25.66 -30.67
C TYR C 85 -8.83 -26.10 -32.15
N ASN C 86 -8.61 -27.40 -32.46
CA ASN C 86 -8.64 -27.95 -33.83
C ASN C 86 -7.68 -27.16 -34.79
N GLN C 87 -6.43 -26.93 -34.35
CA GLN C 87 -5.43 -26.18 -35.13
C GLN C 87 -4.41 -27.11 -35.79
N SER C 88 -3.79 -26.67 -36.89
CA SER C 88 -2.77 -27.47 -37.59
C SER C 88 -1.47 -27.53 -36.79
N LYS C 89 -0.69 -28.59 -37.01
CA LYS C 89 0.58 -28.85 -36.33
C LYS C 89 1.77 -27.96 -36.80
N GLY C 90 1.59 -27.16 -37.87
CA GLY C 90 2.63 -26.32 -38.44
C GLY C 90 2.71 -24.85 -38.04
N GLY C 91 1.73 -24.39 -37.26
CA GLY C 91 1.68 -23.02 -36.81
C GLY C 91 2.43 -22.81 -35.51
N SER C 92 2.93 -21.58 -35.32
CA SER C 92 3.61 -21.24 -34.09
C SER C 92 2.55 -20.79 -33.07
N HIS C 93 2.63 -21.30 -31.85
CA HIS C 93 1.71 -20.96 -30.77
C HIS C 93 2.44 -20.56 -29.49
N THR C 94 1.75 -19.87 -28.60
CA THR C 94 2.36 -19.41 -27.36
C THR C 94 1.51 -19.75 -26.19
N ILE C 95 2.15 -20.16 -25.10
CA ILE C 95 1.49 -20.31 -23.80
C ILE C 95 2.26 -19.36 -22.90
N GLN C 96 1.52 -18.64 -22.06
CA GLN C 96 2.14 -17.73 -21.13
C GLN C 96 1.51 -17.94 -19.80
N VAL C 97 2.32 -17.82 -18.76
CA VAL C 97 1.86 -17.98 -17.39
C VAL C 97 2.43 -16.87 -16.54
N ILE C 98 1.61 -16.41 -15.59
CA ILE C 98 2.03 -15.52 -14.53
C ILE C 98 1.63 -16.26 -13.26
N SER C 99 2.64 -16.56 -12.44
CA SER C 99 2.48 -17.33 -11.23
C SER C 99 3.23 -16.66 -10.09
N GLY C 100 2.60 -16.58 -8.92
CA GLY C 100 3.28 -15.96 -7.80
C GLY C 100 2.41 -15.43 -6.67
N CYS C 101 3.05 -14.76 -5.75
CA CYS C 101 2.40 -14.30 -4.55
C CYS C 101 2.81 -12.88 -4.23
N GLU C 102 1.96 -12.21 -3.46
CA GLU C 102 2.18 -10.88 -2.95
C GLU C 102 1.91 -10.96 -1.45
N VAL C 103 2.83 -10.41 -0.65
CA VAL C 103 2.77 -10.43 0.81
C VAL C 103 2.73 -9.03 1.34
N GLY C 104 2.27 -8.88 2.59
CA GLY C 104 2.27 -7.60 3.29
C GLY C 104 3.59 -7.35 3.97
N SER C 105 3.70 -6.27 4.77
CA SER C 105 4.91 -5.92 5.54
C SER C 105 5.25 -6.95 6.63
N ASP C 106 4.24 -7.75 7.05
CA ASP C 106 4.34 -8.79 8.07
C ASP C 106 4.78 -10.14 7.47
N GLY C 107 4.78 -10.20 6.15
CA GLY C 107 5.14 -11.40 5.39
C GLY C 107 4.00 -12.38 5.16
N ARG C 108 2.78 -12.01 5.54
CA ARG C 108 1.61 -12.88 5.31
C ARG C 108 1.09 -12.69 3.87
N LEU C 109 0.56 -13.76 3.24
CA LEU C 109 0.01 -13.71 1.88
C LEU C 109 -1.17 -12.70 1.73
N LEU C 110 -1.08 -11.83 0.73
CA LEU C 110 -2.14 -10.88 0.39
C LEU C 110 -2.94 -11.37 -0.81
N ARG C 111 -2.23 -11.77 -1.87
CA ARG C 111 -2.79 -12.22 -3.15
C ARG C 111 -1.90 -13.30 -3.77
N GLY C 112 -2.53 -14.30 -4.35
CA GLY C 112 -1.88 -15.38 -5.09
C GLY C 112 -2.26 -15.25 -6.54
N TYR C 113 -1.31 -15.48 -7.49
CA TYR C 113 -1.58 -15.43 -8.94
C TYR C 113 -1.23 -16.76 -9.62
N GLN C 114 -2.12 -17.25 -10.47
CA GLN C 114 -1.93 -18.39 -11.36
C GLN C 114 -2.80 -18.11 -12.58
N GLN C 115 -2.19 -17.46 -13.57
CA GLN C 115 -2.90 -17.00 -14.76
C GLN C 115 -2.27 -17.54 -16.01
N TYR C 116 -3.09 -18.05 -16.92
CA TYR C 116 -2.64 -18.62 -18.20
C TYR C 116 -3.19 -17.85 -19.39
N ALA C 117 -2.41 -17.86 -20.47
CA ALA C 117 -2.88 -17.30 -21.73
C ALA C 117 -2.40 -18.21 -22.85
N TYR C 118 -3.23 -18.34 -23.90
CA TYR C 118 -2.93 -19.08 -25.13
C TYR C 118 -3.00 -18.07 -26.25
N ASP C 119 -1.92 -17.94 -27.04
CA ASP C 119 -1.81 -16.98 -28.13
C ASP C 119 -2.19 -15.52 -27.74
N GLY C 120 -1.72 -15.08 -26.57
CA GLY C 120 -1.95 -13.72 -26.06
C GLY C 120 -3.34 -13.41 -25.53
N CYS C 121 -4.20 -14.43 -25.38
CA CYS C 121 -5.56 -14.26 -24.89
C CYS C 121 -5.69 -15.04 -23.61
N ASP C 122 -6.41 -14.49 -22.63
CA ASP C 122 -6.68 -15.16 -21.37
C ASP C 122 -7.19 -16.56 -21.64
N TYR C 123 -6.67 -17.53 -20.89
CA TYR C 123 -7.09 -18.92 -21.04
C TYR C 123 -7.78 -19.36 -19.74
N ILE C 124 -7.01 -19.43 -18.66
CA ILE C 124 -7.53 -19.80 -17.36
C ILE C 124 -6.76 -19.06 -16.25
N ALA C 125 -7.45 -18.78 -15.15
CA ALA C 125 -6.88 -18.06 -14.02
C ALA C 125 -7.48 -18.53 -12.72
N LEU C 126 -6.65 -18.58 -11.68
CA LEU C 126 -7.11 -18.96 -10.34
C LEU C 126 -7.75 -17.72 -9.76
N ASN C 127 -8.93 -17.89 -9.16
CA ASN C 127 -9.68 -16.78 -8.54
C ASN C 127 -9.03 -16.29 -7.24
N GLU C 128 -9.38 -15.05 -6.82
CA GLU C 128 -8.86 -14.41 -5.58
C GLU C 128 -9.09 -15.24 -4.29
N ASP C 129 -10.11 -16.12 -4.29
CA ASP C 129 -10.46 -17.02 -3.21
C ASP C 129 -9.41 -18.14 -3.03
N LEU C 130 -8.57 -18.39 -4.06
CA LEU C 130 -7.54 -19.45 -4.17
C LEU C 130 -8.12 -20.84 -4.20
N LYS C 131 -9.40 -20.95 -4.59
CA LYS C 131 -10.14 -22.21 -4.63
C LYS C 131 -10.82 -22.53 -5.96
N THR C 132 -11.28 -21.51 -6.69
CA THR C 132 -12.01 -21.73 -7.95
C THR C 132 -11.24 -21.13 -9.14
N TRP C 133 -11.64 -21.52 -10.35
CA TRP C 133 -11.05 -21.07 -11.60
C TRP C 133 -12.02 -20.30 -12.49
N THR C 134 -11.50 -19.35 -13.25
CA THR C 134 -12.24 -18.64 -14.30
C THR C 134 -11.66 -19.12 -15.65
N ALA C 135 -12.46 -19.85 -16.42
CA ALA C 135 -12.07 -20.29 -17.76
C ALA C 135 -12.50 -19.17 -18.70
N ALA C 136 -11.65 -18.76 -19.66
CA ALA C 136 -11.99 -17.67 -20.59
C ALA C 136 -12.68 -18.12 -21.88
N ASP C 137 -12.62 -19.42 -22.21
CA ASP C 137 -13.26 -19.99 -23.39
C ASP C 137 -13.68 -21.46 -23.20
N MET C 138 -14.22 -22.07 -24.25
CA MET C 138 -14.68 -23.45 -24.20
C MET C 138 -13.53 -24.41 -23.99
N ALA C 139 -12.38 -24.16 -24.62
CA ALA C 139 -11.21 -25.05 -24.47
C ALA C 139 -10.69 -25.07 -23.03
N ALA C 140 -10.71 -23.90 -22.34
CA ALA C 140 -10.30 -23.78 -20.93
C ALA C 140 -11.22 -24.52 -19.93
N LEU C 141 -12.47 -24.82 -20.34
CA LEU C 141 -13.43 -25.56 -19.53
C LEU C 141 -12.98 -27.01 -19.35
N ILE C 142 -12.28 -27.57 -20.39
CA ILE C 142 -11.72 -28.94 -20.38
C ILE C 142 -10.62 -28.97 -19.31
N THR C 143 -9.71 -27.97 -19.32
CA THR C 143 -8.66 -27.81 -18.30
C THR C 143 -9.29 -27.65 -16.90
N LYS C 144 -10.30 -26.75 -16.80
CA LYS C 144 -11.01 -26.43 -15.54
C LYS C 144 -11.57 -27.70 -14.91
N HIS C 145 -12.25 -28.55 -15.70
CA HIS C 145 -12.79 -29.83 -15.21
C HIS C 145 -11.69 -30.73 -14.65
N LYS C 146 -10.64 -30.96 -15.46
CA LYS C 146 -9.44 -31.74 -15.15
C LYS C 146 -8.77 -31.24 -13.84
N TRP C 147 -8.58 -29.92 -13.71
CA TRP C 147 -7.96 -29.31 -12.54
C TRP C 147 -8.84 -29.36 -11.30
N GLU C 148 -10.17 -29.31 -11.50
CA GLU C 148 -11.14 -29.40 -10.41
C GLU C 148 -11.12 -30.81 -9.82
N GLN C 149 -11.02 -31.83 -10.70
CA GLN C 149 -10.92 -33.23 -10.31
C GLN C 149 -9.63 -33.52 -9.51
N ALA C 150 -8.47 -33.02 -10.03
CA ALA C 150 -7.14 -33.20 -9.43
C ALA C 150 -6.87 -32.43 -8.15
N GLY C 151 -7.75 -31.50 -7.79
CA GLY C 151 -7.58 -30.64 -6.61
C GLY C 151 -6.40 -29.69 -6.82
N GLU C 152 -6.24 -29.20 -8.07
CA GLU C 152 -5.16 -28.33 -8.51
C GLU C 152 -5.10 -27.00 -7.74
N ALA C 153 -6.26 -26.37 -7.45
CA ALA C 153 -6.36 -25.12 -6.71
C ALA C 153 -5.82 -25.29 -5.29
N GLU C 154 -6.06 -26.46 -4.66
CA GLU C 154 -5.55 -26.82 -3.32
C GLU C 154 -4.04 -26.89 -3.36
N ARG C 155 -3.48 -27.62 -4.36
CA ARG C 155 -2.03 -27.80 -4.62
C ARG C 155 -1.31 -26.45 -4.78
N LEU C 156 -1.94 -25.53 -5.51
CA LEU C 156 -1.37 -24.21 -5.76
CA LEU C 156 -1.39 -24.21 -5.77
C LEU C 156 -1.48 -23.32 -4.54
N ARG C 157 -2.61 -23.41 -3.80
CA ARG C 157 -2.81 -22.65 -2.56
C ARG C 157 -1.68 -23.05 -1.60
N ALA C 158 -1.31 -24.37 -1.58
CA ALA C 158 -0.22 -24.93 -0.76
C ALA C 158 1.11 -24.32 -1.18
N TYR C 159 1.37 -24.23 -2.50
CA TYR C 159 2.57 -23.60 -3.06
C TYR C 159 2.63 -22.10 -2.70
N LEU C 160 1.52 -21.36 -2.87
CA LEU C 160 1.48 -19.91 -2.61
C LEU C 160 1.72 -19.55 -1.14
N GLU C 161 1.03 -20.22 -0.21
CA GLU C 161 1.13 -20.00 1.23
C GLU C 161 2.42 -20.65 1.80
N GLY C 162 2.92 -21.68 1.13
CA GLY C 162 4.13 -22.37 1.54
C GLY C 162 5.36 -21.81 0.86
N THR C 163 5.83 -22.53 -0.16
CA THR C 163 7.01 -22.24 -0.98
C THR C 163 7.15 -20.78 -1.42
N CYS C 164 6.15 -20.25 -2.15
CA CYS C 164 6.22 -18.86 -2.66
C CYS C 164 6.54 -17.83 -1.54
N VAL C 165 5.72 -17.83 -0.47
CA VAL C 165 5.85 -16.91 0.66
C VAL C 165 7.19 -17.04 1.37
N GLU C 166 7.63 -18.30 1.60
CA GLU C 166 8.89 -18.64 2.27
C GLU C 166 10.09 -18.24 1.43
N TRP C 167 10.04 -18.53 0.13
CA TRP C 167 11.14 -18.17 -0.75
C TRP C 167 11.25 -16.67 -0.97
N LEU C 168 10.11 -15.95 -1.05
CA LEU C 168 10.10 -14.47 -1.20
C LEU C 168 10.80 -13.85 0.02
N ARG C 169 10.50 -14.36 1.24
CA ARG C 169 11.16 -13.97 2.48
C ARG C 169 12.70 -14.12 2.37
N ARG C 170 13.18 -15.26 1.87
CA ARG C 170 14.60 -15.61 1.68
C ARG C 170 15.28 -14.65 0.69
N TYR C 171 14.63 -14.40 -0.48
CA TYR C 171 15.14 -13.51 -1.53
C TYR C 171 15.19 -12.05 -1.04
N LEU C 172 14.17 -11.61 -0.28
CA LEU C 172 14.16 -10.26 0.28
C LEU C 172 15.30 -10.05 1.27
N LYS C 173 15.69 -11.10 2.03
CA LYS C 173 16.80 -11.00 2.99
C LYS C 173 18.11 -10.64 2.27
N ASN C 174 18.35 -11.25 1.10
CA ASN C 174 19.58 -11.05 0.33
C ASN C 174 19.54 -9.83 -0.59
N GLY C 175 18.36 -9.49 -1.11
CA GLY C 175 18.22 -8.40 -2.07
C GLY C 175 17.51 -7.14 -1.64
N ASN C 176 16.94 -7.11 -0.40
CA ASN C 176 16.23 -5.93 0.11
C ASN C 176 17.01 -4.63 -0.06
N ALA C 177 18.30 -4.62 0.35
CA ALA C 177 19.13 -3.43 0.25
C ALA C 177 19.21 -2.91 -1.20
N THR C 178 19.37 -3.85 -2.16
CA THR C 178 19.44 -3.51 -3.58
C THR C 178 18.05 -3.10 -4.09
N LEU C 179 16.99 -3.83 -3.68
CA LEU C 179 15.61 -3.53 -4.11
C LEU C 179 15.12 -2.11 -3.75
N LEU C 180 15.54 -1.59 -2.57
CA LEU C 180 15.18 -0.24 -2.07
C LEU C 180 15.77 0.90 -2.88
N ARG C 181 16.78 0.61 -3.71
CA ARG C 181 17.46 1.58 -4.55
C ARG C 181 16.52 2.56 -5.28
N THR C 182 16.87 3.85 -5.21
CA THR C 182 16.15 4.91 -5.90
C THR C 182 17.14 5.87 -6.54
N ASP C 183 16.83 6.30 -7.77
CA ASP C 183 17.57 7.32 -8.53
C ASP C 183 16.56 8.42 -8.81
N SER C 184 16.78 9.60 -8.25
CA SER C 184 15.88 10.72 -8.45
C SER C 184 15.98 11.26 -9.88
N PRO C 185 14.84 11.68 -10.47
CA PRO C 185 14.92 12.26 -11.81
C PRO C 185 15.67 13.60 -11.80
N LYS C 186 16.34 13.90 -12.89
CA LYS C 186 16.96 15.18 -13.18
C LYS C 186 16.00 15.72 -14.25
N ALA C 187 15.37 16.87 -13.97
CA ALA C 187 14.38 17.46 -14.86
C ALA C 187 14.82 18.78 -15.49
N HIS C 188 14.38 19.03 -16.71
CA HIS C 188 14.62 20.29 -17.44
C HIS C 188 13.46 20.54 -18.42
N VAL C 189 13.25 21.80 -18.81
CA VAL C 189 12.22 22.19 -19.77
C VAL C 189 12.87 22.60 -21.06
N THR C 190 12.40 22.07 -22.21
CA THR C 190 12.86 22.54 -23.53
C THR C 190 11.75 23.36 -24.20
N HIS C 191 12.10 24.18 -25.19
CA HIS C 191 11.16 25.09 -25.85
C HIS C 191 11.20 24.84 -27.35
N HIS C 192 10.03 24.63 -28.00
CA HIS C 192 9.98 24.30 -29.43
C HIS C 192 8.94 25.12 -30.15
N SER C 193 9.25 25.50 -31.39
CA SER C 193 8.37 26.30 -32.25
C SER C 193 7.15 25.49 -32.72
N ARG C 194 6.04 26.18 -32.95
CA ARG C 194 4.79 25.63 -33.49
C ARG C 194 4.31 26.61 -34.57
N PRO C 195 3.47 26.17 -35.56
CA PRO C 195 3.01 27.14 -36.57
C PRO C 195 2.30 28.32 -35.92
N GLU C 196 2.67 29.51 -36.39
CA GLU C 196 2.14 30.78 -35.97
C GLU C 196 2.53 31.17 -34.54
N ASP C 197 1.52 31.59 -33.75
CA ASP C 197 1.54 32.18 -32.41
C ASP C 197 1.70 31.21 -31.24
N LYS C 198 1.95 29.91 -31.52
CA LYS C 198 2.07 28.87 -30.49
C LYS C 198 3.50 28.36 -30.30
N VAL C 199 3.78 27.83 -29.10
CA VAL C 199 5.09 27.23 -28.75
CA VAL C 199 5.09 27.28 -28.70
C VAL C 199 4.88 25.95 -27.92
N THR C 200 5.82 24.99 -28.03
CA THR C 200 5.72 23.77 -27.23
C THR C 200 6.72 23.86 -26.09
N LEU C 201 6.27 23.57 -24.88
CA LEU C 201 7.13 23.45 -23.72
C LEU C 201 7.20 21.97 -23.39
N ARG C 202 8.40 21.41 -23.40
CA ARG C 202 8.54 19.99 -23.10
C ARG C 202 9.28 19.79 -21.80
N CYS C 203 8.64 19.10 -20.88
CA CYS C 203 9.20 18.84 -19.57
C CYS C 203 9.75 17.43 -19.49
N TRP C 204 11.06 17.32 -19.32
CA TRP C 204 11.80 16.07 -19.28
C TRP C 204 12.18 15.65 -17.88
N ALA C 205 12.10 14.34 -17.60
CA ALA C 205 12.56 13.67 -16.39
C ALA C 205 13.51 12.56 -16.91
N LEU C 206 14.76 12.59 -16.43
CA LEU C 206 15.79 11.65 -16.88
C LEU C 206 16.54 11.06 -15.70
N GLY C 207 17.12 9.88 -15.94
CA GLY C 207 17.96 9.18 -14.97
C GLY C 207 17.26 8.64 -13.73
N PHE C 208 15.94 8.42 -13.79
CA PHE C 208 15.19 7.92 -12.64
C PHE C 208 15.01 6.40 -12.55
N TYR C 209 14.89 5.96 -11.31
CA TYR C 209 14.67 4.58 -10.94
C TYR C 209 13.94 4.55 -9.58
N PRO C 210 12.83 3.77 -9.46
CA PRO C 210 12.16 2.97 -10.50
C PRO C 210 11.38 3.79 -11.52
N ALA C 211 10.82 3.10 -12.52
CA ALA C 211 10.06 3.66 -13.65
C ALA C 211 8.82 4.48 -13.23
N ASP C 212 8.20 4.16 -12.09
CA ASP C 212 7.02 4.86 -11.57
C ASP C 212 7.26 6.36 -11.38
N ILE C 213 6.52 7.20 -12.12
CA ILE C 213 6.67 8.66 -12.13
C ILE C 213 5.39 9.32 -12.67
N THR C 214 5.18 10.58 -12.28
CA THR C 214 4.07 11.40 -12.76
C THR C 214 4.65 12.77 -13.13
N LEU C 215 4.31 13.22 -14.33
CA LEU C 215 4.69 14.56 -14.79
C LEU C 215 3.40 15.26 -15.08
N THR C 216 3.25 16.52 -14.61
CA THR C 216 2.06 17.31 -14.88
C THR C 216 2.48 18.71 -15.33
N TRP C 217 1.62 19.38 -16.07
CA TRP C 217 1.84 20.79 -16.39
C TRP C 217 0.70 21.58 -15.70
N GLN C 218 1.03 22.72 -15.08
CA GLN C 218 0.02 23.56 -14.45
C GLN C 218 0.02 24.95 -15.06
N LEU C 219 -1.17 25.52 -15.19
CA LEU C 219 -1.35 26.88 -15.68
C LEU C 219 -1.87 27.61 -14.46
N ASN C 220 -1.02 28.52 -13.96
CA ASN C 220 -1.24 29.34 -12.77
C ASN C 220 -1.55 28.46 -11.52
N GLY C 221 -0.91 27.29 -11.43
CA GLY C 221 -1.14 26.42 -10.28
C GLY C 221 -2.36 25.51 -10.29
N GLU C 222 -3.00 25.31 -11.46
CA GLU C 222 -4.10 24.37 -11.65
C GLU C 222 -3.73 23.45 -12.83
N GLU C 223 -3.86 22.11 -12.65
CA GLU C 223 -3.50 21.10 -13.64
C GLU C 223 -4.18 21.23 -15.01
N LEU C 224 -3.45 20.82 -16.07
CA LEU C 224 -3.93 20.81 -17.45
C LEU C 224 -4.29 19.35 -17.81
N ILE C 225 -5.48 18.90 -17.33
CA ILE C 225 -6.02 17.54 -17.52
C ILE C 225 -6.37 17.22 -19.01
N GLN C 226 -6.21 18.21 -19.91
CA GLN C 226 -6.47 18.06 -21.34
C GLN C 226 -5.40 18.82 -22.16
N ASP C 227 -5.22 18.43 -23.44
CA ASP C 227 -4.26 18.99 -24.42
C ASP C 227 -2.75 18.69 -24.13
N MET C 228 -2.44 18.03 -23.01
CA MET C 228 -1.08 17.66 -22.67
C MET C 228 -0.65 16.39 -23.46
N GLU C 229 0.54 16.43 -24.05
CA GLU C 229 1.09 15.28 -24.77
C GLU C 229 2.19 14.66 -23.88
N LEU C 230 2.30 13.34 -23.90
CA LEU C 230 3.34 12.62 -23.17
C LEU C 230 3.82 11.39 -23.92
N VAL C 231 4.84 10.76 -23.39
CA VAL C 231 5.32 9.51 -23.94
C VAL C 231 5.23 8.52 -22.81
N GLU C 232 5.10 7.29 -23.17
CA GLU C 232 5.16 6.20 -22.21
C GLU C 232 6.58 6.20 -21.61
N THR C 233 6.71 5.92 -20.30
CA THR C 233 8.00 5.81 -19.62
C THR C 233 8.86 4.78 -20.37
N ARG C 234 10.13 5.09 -20.60
CA ARG C 234 10.97 4.25 -21.43
C ARG C 234 12.35 4.03 -20.81
N PRO C 235 12.97 2.84 -21.03
CA PRO C 235 14.30 2.60 -20.43
C PRO C 235 15.40 3.39 -21.15
N ALA C 236 16.34 3.98 -20.39
CA ALA C 236 17.47 4.64 -21.03
C ALA C 236 18.45 3.55 -21.53
N GLY C 237 18.33 2.36 -20.98
CA GLY C 237 19.17 1.20 -21.31
C GLY C 237 20.31 0.99 -20.34
N ASP C 238 20.53 1.95 -19.41
CA ASP C 238 21.59 1.86 -18.40
C ASP C 238 21.02 1.58 -16.97
N GLY C 239 19.78 1.07 -16.90
CA GLY C 239 19.07 0.81 -15.64
C GLY C 239 18.14 1.93 -15.19
N THR C 240 18.24 3.13 -15.80
CA THR C 240 17.39 4.31 -15.48
C THR C 240 16.28 4.54 -16.51
N PHE C 241 15.31 5.39 -16.17
CA PHE C 241 14.18 5.65 -17.04
C PHE C 241 14.03 7.11 -17.46
N GLN C 242 13.21 7.32 -18.49
CA GLN C 242 12.95 8.65 -19.05
C GLN C 242 11.48 8.81 -19.31
N LYS C 243 11.01 10.06 -19.22
CA LYS C 243 9.67 10.46 -19.56
C LYS C 243 9.66 11.94 -19.90
N TRP C 244 8.70 12.36 -20.73
CA TRP C 244 8.46 13.76 -20.97
C TRP C 244 6.98 14.02 -21.14
N ALA C 245 6.58 15.25 -20.83
CA ALA C 245 5.23 15.77 -20.99
C ALA C 245 5.39 17.14 -21.58
N SER C 246 4.56 17.46 -22.57
CA SER C 246 4.59 18.73 -23.24
C SER C 246 3.19 19.35 -23.36
N VAL C 247 3.16 20.67 -23.51
CA VAL C 247 1.95 21.48 -23.70
C VAL C 247 2.24 22.45 -24.79
N VAL C 248 1.19 22.87 -25.53
CA VAL C 248 1.27 23.90 -26.58
C VAL C 248 0.68 25.13 -25.93
N VAL C 249 1.47 26.21 -25.88
CA VAL C 249 1.08 27.45 -25.19
C VAL C 249 1.25 28.66 -26.09
N PRO C 250 0.53 29.77 -25.83
CA PRO C 250 0.70 30.96 -26.64
C PRO C 250 2.09 31.57 -26.47
N LEU C 251 2.67 32.07 -27.59
CA LEU C 251 3.95 32.76 -27.64
C LEU C 251 3.90 33.91 -26.65
N GLY C 252 4.89 34.02 -25.78
CA GLY C 252 4.92 35.07 -24.76
C GLY C 252 4.29 34.72 -23.43
N LYS C 253 3.59 33.54 -23.30
CA LYS C 253 2.95 33.12 -22.04
C LYS C 253 3.69 31.95 -21.35
N GLU C 254 4.95 31.65 -21.76
CA GLU C 254 5.72 30.52 -21.20
C GLU C 254 5.86 30.56 -19.68
N GLN C 255 6.04 31.76 -19.11
CA GLN C 255 6.14 31.97 -17.66
C GLN C 255 4.83 31.75 -16.89
N TYR C 256 3.75 31.43 -17.58
CA TYR C 256 2.48 31.16 -16.89
C TYR C 256 2.37 29.66 -16.57
N TYR C 257 3.24 28.83 -17.18
CA TYR C 257 3.21 27.37 -17.00
C TYR C 257 4.36 26.84 -16.17
N THR C 258 4.02 25.87 -15.30
CA THR C 258 4.96 25.15 -14.44
C THR C 258 4.78 23.66 -14.65
N CYS C 259 5.89 22.93 -14.71
CA CYS C 259 5.88 21.49 -14.82
C CYS C 259 6.17 20.90 -13.43
N HIS C 260 5.45 19.84 -13.04
CA HIS C 260 5.60 19.20 -11.73
C HIS C 260 5.98 17.73 -11.87
N VAL C 261 7.10 17.35 -11.24
CA VAL C 261 7.66 16.00 -11.31
C VAL C 261 7.49 15.30 -9.95
N TYR C 262 6.77 14.16 -9.94
CA TYR C 262 6.49 13.40 -8.71
C TYR C 262 7.15 12.07 -8.81
N HIS C 263 8.12 11.82 -7.90
CA HIS C 263 8.85 10.53 -7.91
C HIS C 263 9.23 10.13 -6.50
N GLN C 264 9.25 8.84 -6.22
CA GLN C 264 9.56 8.36 -4.87
C GLN C 264 10.97 8.69 -4.33
N GLY C 265 11.95 8.91 -5.23
CA GLY C 265 13.31 9.24 -4.85
C GLY C 265 13.47 10.67 -4.36
N LEU C 266 12.51 11.54 -4.74
CA LEU C 266 12.57 12.96 -4.42
C LEU C 266 12.20 13.30 -2.98
N PRO C 267 12.97 14.21 -2.31
CA PRO C 267 12.58 14.67 -0.96
C PRO C 267 11.20 15.34 -1.00
N GLU C 268 10.89 15.99 -2.15
CA GLU C 268 9.64 16.68 -2.46
C GLU C 268 9.45 16.78 -3.99
N PRO C 269 8.21 16.97 -4.53
CA PRO C 269 8.05 17.08 -5.99
C PRO C 269 8.82 18.26 -6.56
N LEU C 270 9.41 18.08 -7.75
CA LEU C 270 10.15 19.15 -8.39
C LEU C 270 9.16 20.10 -9.07
N THR C 271 9.48 21.39 -9.09
N THR C 271 9.46 21.40 -9.06
CA THR C 271 8.70 22.42 -9.80
CA THR C 271 8.65 22.44 -9.71
C THR C 271 9.65 23.05 -10.81
C THR C 271 9.56 23.25 -10.65
N LEU C 272 9.22 23.17 -12.07
N LEU C 272 9.31 23.17 -11.96
CA LEU C 272 10.04 23.74 -13.13
CA LEU C 272 10.10 23.95 -12.92
C LEU C 272 9.27 24.65 -14.05
C LEU C 272 9.32 24.66 -14.00
N ARG C 273 9.98 25.59 -14.69
CA ARG C 273 9.48 26.51 -15.71
C ARG C 273 10.50 26.61 -16.83
N TRP C 274 10.08 27.11 -18.00
CA TRP C 274 10.98 27.39 -19.12
C TRP C 274 11.94 28.52 -18.69
N GLU C 275 13.25 28.26 -18.84
CA GLU C 275 14.29 29.21 -18.45
C GLU C 275 14.94 29.73 -19.74
N PRO C 276 14.53 30.91 -20.25
CA PRO C 276 15.20 31.42 -21.45
C PRO C 276 16.65 31.77 -21.12
N PRO C 277 17.65 31.15 -21.80
CA PRO C 277 19.05 31.51 -21.51
C PRO C 277 19.46 32.83 -22.18
N ILE D 1 -5.40 -13.89 -31.68
CA ILE D 1 -5.46 -12.43 -31.81
C ILE D 1 -4.04 -11.83 -31.74
N GLN D 2 -3.72 -10.90 -32.66
CA GLN D 2 -2.40 -10.25 -32.74
C GLN D 2 -2.40 -8.79 -32.30
N LYS D 3 -1.32 -8.36 -31.61
CA LYS D 3 -1.18 -6.98 -31.14
C LYS D 3 -0.06 -6.29 -31.91
N THR D 4 -0.36 -5.07 -32.45
CA THR D 4 0.52 -4.22 -33.24
C THR D 4 1.58 -3.56 -32.35
N PRO D 5 2.87 -3.64 -32.75
CA PRO D 5 3.92 -3.03 -31.91
C PRO D 5 3.84 -1.50 -31.81
N GLN D 6 4.15 -0.99 -30.61
CA GLN D 6 4.25 0.45 -30.35
C GLN D 6 5.75 0.71 -30.34
N ILE D 7 6.22 1.81 -30.97
CA ILE D 7 7.67 2.06 -31.08
C ILE D 7 8.07 3.43 -30.61
N GLN D 8 9.21 3.53 -29.89
CA GLN D 8 9.81 4.84 -29.53
C GLN D 8 11.30 4.82 -29.92
N VAL D 9 11.79 5.86 -30.58
CA VAL D 9 13.18 5.98 -31.03
C VAL D 9 13.70 7.19 -30.28
N TYR D 10 14.79 7.02 -29.52
CA TYR D 10 15.26 8.08 -28.64
C TYR D 10 16.69 7.78 -28.20
N SER D 11 17.39 8.80 -27.76
CA SER D 11 18.77 8.62 -27.33
C SER D 11 18.84 8.38 -25.82
N ARG D 12 19.91 7.67 -25.37
CA ARG D 12 20.14 7.41 -23.95
C ARG D 12 20.36 8.74 -23.19
N HIS D 13 21.11 9.67 -23.80
CA HIS D 13 21.41 10.95 -23.21
C HIS D 13 20.89 12.06 -24.12
N PRO D 14 20.65 13.31 -23.61
CA PRO D 14 20.25 14.40 -24.52
C PRO D 14 21.25 14.52 -25.66
N PRO D 15 20.77 14.60 -26.92
CA PRO D 15 21.72 14.58 -28.06
C PRO D 15 22.62 15.81 -28.12
N GLU D 16 23.89 15.59 -28.42
CA GLU D 16 24.88 16.66 -28.59
C GLU D 16 25.66 16.37 -29.86
N ASN D 17 25.62 17.27 -30.87
CA ASN D 17 26.32 17.03 -32.14
C ASN D 17 27.82 16.78 -31.93
N GLY D 18 28.30 15.65 -32.48
CA GLY D 18 29.68 15.21 -32.35
C GLY D 18 29.99 14.41 -31.08
N LYS D 19 29.01 14.27 -30.16
CA LYS D 19 29.22 13.57 -28.90
C LYS D 19 28.66 12.16 -28.97
N PRO D 20 29.51 11.14 -28.68
CA PRO D 20 29.03 9.74 -28.73
C PRO D 20 27.85 9.53 -27.79
N ASN D 21 26.86 8.78 -28.30
CA ASN D 21 25.61 8.51 -27.59
C ASN D 21 25.13 7.09 -27.92
N ILE D 22 23.92 6.74 -27.48
CA ILE D 22 23.27 5.46 -27.72
C ILE D 22 21.88 5.75 -28.26
N LEU D 23 21.54 5.13 -29.40
CA LEU D 23 20.22 5.26 -29.97
C LEU D 23 19.42 4.03 -29.60
N ASN D 24 18.25 4.23 -29.02
CA ASN D 24 17.38 3.15 -28.58
C ASN D 24 16.18 3.02 -29.46
N CYS D 25 15.70 1.80 -29.57
CA CYS D 25 14.44 1.45 -30.20
C CYS D 25 13.70 0.55 -29.23
N TYR D 26 12.71 1.15 -28.56
CA TYR D 26 11.88 0.50 -27.55
C TYR D 26 10.59 0.02 -28.19
N VAL D 27 10.43 -1.30 -28.26
CA VAL D 27 9.28 -1.92 -28.94
C VAL D 27 8.41 -2.63 -27.93
N THR D 28 7.14 -2.25 -27.85
CA THR D 28 6.24 -2.85 -26.86
C THR D 28 4.93 -3.23 -27.51
N GLN D 29 4.02 -3.79 -26.71
CA GLN D 29 2.63 -4.11 -27.09
C GLN D 29 2.46 -5.08 -28.25
N PHE D 30 3.43 -6.00 -28.47
CA PHE D 30 3.30 -6.92 -29.58
C PHE D 30 3.02 -8.37 -29.15
N HIS D 31 2.36 -9.12 -30.05
CA HIS D 31 2.06 -10.54 -29.89
C HIS D 31 1.72 -11.06 -31.25
N PRO D 32 2.36 -12.12 -31.82
CA PRO D 32 3.33 -13.09 -31.24
C PRO D 32 4.70 -12.51 -30.87
N PRO D 33 5.55 -13.24 -30.09
CA PRO D 33 6.85 -12.65 -29.69
C PRO D 33 7.88 -12.54 -30.82
N HIS D 34 7.68 -13.29 -31.92
CA HIS D 34 8.59 -13.18 -33.04
C HIS D 34 8.49 -11.79 -33.61
N ILE D 35 9.64 -11.13 -33.72
CA ILE D 35 9.74 -9.77 -34.25
C ILE D 35 11.09 -9.55 -34.95
N GLU D 36 11.11 -8.67 -35.97
CA GLU D 36 12.33 -8.29 -36.68
C GLU D 36 12.56 -6.80 -36.52
N ILE D 37 13.70 -6.42 -35.94
CA ILE D 37 14.00 -5.03 -35.62
C ILE D 37 15.29 -4.64 -36.30
N GLN D 38 15.23 -3.52 -37.03
CA GLN D 38 16.39 -2.98 -37.73
C GLN D 38 16.53 -1.52 -37.33
N MET D 39 17.79 -1.05 -37.26
CA MET D 39 18.11 0.36 -37.09
C MET D 39 18.73 0.83 -38.40
N LEU D 40 18.24 1.98 -38.91
N LEU D 40 18.25 1.98 -38.88
CA LEU D 40 18.66 2.58 -40.17
CA LEU D 40 18.67 2.59 -40.14
C LEU D 40 19.33 3.95 -39.99
C LEU D 40 19.37 3.93 -39.94
N LYS D 41 20.45 4.16 -40.69
CA LYS D 41 21.19 5.43 -40.70
C LYS D 41 21.13 5.91 -42.16
N ASN D 42 20.43 7.06 -42.39
CA ASN D 42 20.21 7.63 -43.72
C ASN D 42 19.63 6.60 -44.74
N GLY D 43 18.70 5.75 -44.28
CA GLY D 43 18.02 4.77 -45.13
C GLY D 43 18.72 3.42 -45.28
N LYS D 44 19.93 3.28 -44.70
CA LYS D 44 20.79 2.10 -44.76
C LYS D 44 20.82 1.39 -43.41
N LYS D 45 20.61 0.07 -43.40
CA LYS D 45 20.63 -0.73 -42.16
C LYS D 45 21.98 -0.59 -41.44
N ILE D 46 21.94 -0.39 -40.11
CA ILE D 46 23.12 -0.31 -39.24
C ILE D 46 23.43 -1.76 -38.90
N PRO D 47 24.68 -2.23 -39.06
CA PRO D 47 24.98 -3.64 -38.77
C PRO D 47 25.00 -4.01 -37.29
N LYS D 48 25.74 -3.25 -36.44
CA LYS D 48 25.88 -3.58 -35.01
C LYS D 48 24.73 -3.07 -34.10
N VAL D 49 23.64 -3.87 -34.00
CA VAL D 49 22.47 -3.56 -33.18
C VAL D 49 22.33 -4.59 -32.05
N GLU D 50 22.40 -4.13 -30.79
CA GLU D 50 22.27 -5.00 -29.64
C GLU D 50 20.80 -5.11 -29.28
N MET D 51 20.35 -6.28 -28.85
CA MET D 51 18.97 -6.56 -28.46
C MET D 51 18.95 -6.94 -27.00
N SER D 52 17.92 -6.51 -26.28
CA SER D 52 17.78 -6.95 -24.91
C SER D 52 17.11 -8.34 -24.95
N ASP D 53 17.07 -9.05 -23.81
CA ASP D 53 16.34 -10.30 -23.69
C ASP D 53 14.83 -9.94 -23.78
N MET D 54 13.97 -10.83 -24.29
CA MET D 54 12.56 -10.44 -24.42
C MET D 54 11.80 -10.75 -23.17
N SER D 55 10.89 -9.85 -22.80
CA SER D 55 10.04 -10.01 -21.63
C SER D 55 8.62 -9.78 -22.08
N PHE D 56 7.64 -10.05 -21.20
CA PHE D 56 6.24 -9.75 -21.46
C PHE D 56 5.64 -9.10 -20.25
N SER D 57 4.52 -8.40 -20.44
CA SER D 57 3.87 -7.63 -19.39
C SER D 57 2.61 -8.31 -18.95
N LYS D 58 1.93 -7.75 -17.92
CA LYS D 58 0.69 -8.24 -17.31
C LYS D 58 -0.40 -8.51 -18.36
N ASP D 59 -0.46 -7.67 -19.41
CA ASP D 59 -1.42 -7.82 -20.50
C ASP D 59 -0.98 -8.82 -21.56
N TRP D 60 0.04 -9.68 -21.24
CA TRP D 60 0.57 -10.74 -22.14
C TRP D 60 1.43 -10.22 -23.29
N SER D 61 1.44 -8.90 -23.54
CA SER D 61 2.20 -8.34 -24.63
C SER D 61 3.72 -8.33 -24.37
N PHE D 62 4.50 -8.55 -25.41
CA PHE D 62 5.96 -8.60 -25.32
C PHE D 62 6.60 -7.23 -25.47
N TYR D 63 7.83 -7.08 -24.98
CA TYR D 63 8.58 -5.85 -25.08
C TYR D 63 10.07 -6.11 -25.18
N ILE D 64 10.79 -5.25 -25.91
CA ILE D 64 12.22 -5.46 -26.15
C ILE D 64 12.88 -4.12 -26.44
N LEU D 65 14.13 -3.99 -26.09
CA LEU D 65 14.88 -2.79 -26.37
C LEU D 65 16.06 -3.13 -27.25
N ALA D 66 16.16 -2.45 -28.40
CA ALA D 66 17.28 -2.56 -29.33
C ALA D 66 18.04 -1.27 -29.21
N HIS D 67 19.37 -1.34 -29.30
CA HIS D 67 20.18 -0.14 -29.24
C HIS D 67 21.40 -0.25 -30.12
N THR D 68 21.96 0.91 -30.47
CA THR D 68 23.18 1.02 -31.24
C THR D 68 23.98 2.25 -30.75
N GLU D 69 25.29 2.20 -30.92
CA GLU D 69 26.13 3.34 -30.60
C GLU D 69 25.98 4.29 -31.77
N PHE D 70 25.98 5.61 -31.52
CA PHE D 70 25.90 6.55 -32.62
C PHE D 70 26.40 7.91 -32.14
N THR D 71 26.98 8.66 -33.07
CA THR D 71 27.46 10.01 -32.83
C THR D 71 26.55 10.93 -33.65
N PRO D 72 25.54 11.57 -33.00
CA PRO D 72 24.61 12.44 -33.75
C PRO D 72 25.29 13.62 -34.43
N THR D 73 24.76 14.01 -35.61
CA THR D 73 25.18 15.19 -36.38
C THR D 73 23.92 16.01 -36.67
N GLU D 74 24.08 17.24 -37.19
CA GLU D 74 22.94 18.08 -37.52
C GLU D 74 22.06 17.48 -38.61
N THR D 75 22.68 16.82 -39.59
CA THR D 75 22.00 16.29 -40.78
C THR D 75 21.70 14.81 -40.91
N ASP D 76 22.35 13.92 -40.11
CA ASP D 76 22.10 12.48 -40.21
C ASP D 76 20.73 12.10 -39.71
N THR D 77 20.05 11.24 -40.48
CA THR D 77 18.71 10.76 -40.14
C THR D 77 18.82 9.35 -39.59
N TYR D 78 18.09 9.06 -38.50
CA TYR D 78 18.04 7.73 -37.88
C TYR D 78 16.58 7.25 -37.79
N ALA D 79 16.39 5.97 -37.97
CA ALA D 79 15.07 5.35 -37.90
C ALA D 79 15.19 3.95 -37.36
N CYS D 80 14.04 3.43 -36.91
CA CYS D 80 13.89 2.06 -36.46
C CYS D 80 12.74 1.51 -37.27
N ARG D 81 13.01 0.37 -37.90
CA ARG D 81 12.07 -0.36 -38.74
C ARG D 81 11.73 -1.70 -38.10
N VAL D 82 10.43 -1.96 -37.95
CA VAL D 82 9.93 -3.16 -37.29
C VAL D 82 9.04 -3.97 -38.20
N LYS D 83 9.34 -5.25 -38.30
CA LYS D 83 8.57 -6.18 -39.11
C LYS D 83 7.92 -7.16 -38.14
N HIS D 84 6.57 -7.24 -38.19
CA HIS D 84 5.81 -8.08 -37.27
C HIS D 84 4.52 -8.56 -37.93
N ASP D 85 4.16 -9.83 -37.69
CA ASP D 85 2.98 -10.56 -38.20
C ASP D 85 1.65 -9.78 -38.16
N SER D 86 1.49 -8.88 -37.17
CA SER D 86 0.27 -8.07 -36.95
C SER D 86 0.11 -6.95 -37.98
N MET D 87 1.15 -6.69 -38.80
CA MET D 87 1.17 -5.62 -39.79
C MET D 87 1.52 -6.18 -41.16
N ALA D 88 0.81 -5.70 -42.20
CA ALA D 88 1.02 -6.08 -43.59
C ALA D 88 2.38 -5.61 -44.09
N GLU D 89 2.82 -4.43 -43.64
CA GLU D 89 4.11 -3.86 -44.05
C GLU D 89 5.00 -3.44 -42.85
N PRO D 90 6.35 -3.50 -42.98
CA PRO D 90 7.22 -3.07 -41.87
C PRO D 90 6.96 -1.62 -41.48
N LYS D 91 6.95 -1.32 -40.17
CA LYS D 91 6.68 0.04 -39.68
C LYS D 91 8.01 0.74 -39.37
N THR D 92 8.21 1.94 -39.91
CA THR D 92 9.41 2.76 -39.68
C THR D 92 9.06 4.01 -38.84
N VAL D 93 9.84 4.28 -37.81
CA VAL D 93 9.67 5.46 -36.96
C VAL D 93 11.04 6.16 -37.02
N TYR D 94 11.02 7.44 -37.28
CA TYR D 94 12.24 8.23 -37.34
C TYR D 94 12.59 8.79 -36.00
N TRP D 95 13.91 8.97 -35.77
CA TRP D 95 14.38 9.64 -34.56
C TRP D 95 14.17 11.16 -34.69
N ASP D 96 13.64 11.79 -33.64
CA ASP D 96 13.43 13.23 -33.55
C ASP D 96 14.14 13.63 -32.26
N ARG D 97 15.22 14.37 -32.35
CA ARG D 97 16.04 14.81 -31.23
C ARG D 97 15.28 15.64 -30.15
N ASP D 98 14.11 16.17 -30.52
CA ASP D 98 13.30 16.95 -29.60
C ASP D 98 12.30 16.07 -28.89
N MET D 99 12.35 14.75 -29.16
CA MET D 99 11.46 13.78 -28.52
C MET D 99 12.20 12.52 -27.97
N ARG E 1 -1.68 21.08 9.60
CA ARG E 1 -2.53 22.24 9.84
CA ARG E 1 -2.52 22.25 9.81
C ARG E 1 -3.98 21.87 9.55
N VAL E 3 -8.01 22.20 8.75
CA VAL E 3 -8.83 23.04 7.91
C VAL E 3 -9.75 23.94 8.78
N ILE E 4 -10.21 25.03 8.18
CA ILE E 4 -11.21 25.89 8.79
C ILE E 4 -12.52 25.28 8.36
N PHE E 5 -13.25 24.70 9.32
CA PHE E 5 -14.51 24.05 9.00
C PHE E 5 -15.58 25.07 8.65
N ALA E 6 -16.48 24.66 7.75
CA ALA E 6 -17.63 25.43 7.28
C ALA E 6 -18.81 24.95 8.13
N ASN E 7 -19.83 25.80 8.32
CA ASN E 7 -21.02 25.37 9.07
C ASN E 7 -21.81 24.36 8.26
N ILE E 8 -22.48 23.43 8.95
CA ILE E 8 -23.34 22.44 8.30
C ILE E 8 -24.77 23.05 8.04
N ARG F 1 11.17 -19.36 -5.77
CA ARG F 1 11.20 -20.70 -6.36
C ARG F 1 9.89 -20.91 -7.15
N VAL F 3 6.82 -22.76 -9.18
CA VAL F 3 6.03 -23.96 -8.96
C VAL F 3 6.33 -25.00 -10.05
N ILE F 4 5.96 -26.29 -9.76
CA ILE F 4 5.98 -27.38 -10.74
C ILE F 4 4.57 -27.23 -11.37
N PHE F 5 4.51 -26.87 -12.63
CA PHE F 5 3.23 -26.68 -13.33
C PHE F 5 2.56 -28.01 -13.65
N ALA F 6 1.22 -28.03 -13.61
CA ALA F 6 0.38 -29.16 -13.99
C ALA F 6 0.11 -29.06 -15.48
N ASN F 7 -0.16 -30.17 -16.14
CA ASN F 7 -0.52 -30.14 -17.55
C ASN F 7 -1.92 -29.55 -17.71
N ILE F 8 -2.15 -28.77 -18.79
CA ILE F 8 -3.47 -28.20 -19.05
C ILE F 8 -4.42 -29.29 -19.64
#